data_7FSL
#
_entry.id   7FSL
#
_cell.length_a   80.727
_cell.length_b   49.748
_cell.length_c   114.706
_cell.angle_alpha   90.000
_cell.angle_beta   94.950
_cell.angle_gamma   90.000
#
_symmetry.space_group_name_H-M   'P 1 21 1'
#
loop_
_entity.id
_entity.type
_entity.pdbx_description
1 polymer Syntenin-1
2 non-polymer N-[2-(4-hydroxyphenyl)ethyl]pyridine-2-carboxamide
3 non-polymer 1,2-ETHANEDIOL
4 non-polymer 'D-GLUTAMIC ACID'
5 non-polymer GLYCINE
6 non-polymer 'SULFATE ION'
7 non-polymer ALANINE
8 water water
#
_entity_poly.entity_id   1
_entity_poly.type   'polypeptide(L)'
_entity_poly.pdbx_seq_one_letter_code
;SMAEIKQGIREVILCKDQDGKIGLRLKSIDNGIFVQLVQANSPASLVGLRFGDQVLQINGENCAGWSSDKAHKVLKQAFG
EKITMTIRDRPFERTITMHKDSTGHVGFIFKNGKITSIVKDSSAARNGLLTEHNICEINGQNVIGLKDSQIADILSTSGT
VVTITIMPAFIFEHIIKRMAPSIMKSLMDHTIPEV
;
_entity_poly.pdbx_strand_id   A,B,C,D
#
loop_
_chem_comp.id
_chem_comp.type
_chem_comp.name
_chem_comp.formula
EDO non-polymer 1,2-ETHANEDIOL 'C2 H6 O2'
NUM non-polymer N-[2-(4-hydroxyphenyl)ethyl]pyridine-2-carboxamide 'C14 H14 N2 O2'
SO4 non-polymer 'SULFATE ION' 'O4 S -2'
#
# COMPACT_ATOMS: atom_id res chain seq x y z
N ILE A 5 11.68 22.97 12.06
CA ILE A 5 11.16 22.27 10.85
C ILE A 5 11.39 23.18 9.65
N LYS A 6 12.48 22.90 8.93
CA LYS A 6 12.87 23.67 7.75
C LYS A 6 11.85 23.44 6.63
N GLN A 7 11.83 24.35 5.64
CA GLN A 7 11.05 24.19 4.40
C GLN A 7 11.95 23.59 3.32
N GLY A 8 12.85 22.72 3.79
CA GLY A 8 14.06 22.37 3.07
C GLY A 8 14.04 20.92 2.63
N ILE A 9 14.29 20.75 1.34
CA ILE A 9 14.87 19.53 0.81
C ILE A 9 16.37 19.72 0.83
N ARG A 10 17.10 18.86 1.54
CA ARG A 10 18.56 18.90 1.54
C ARG A 10 19.11 17.55 1.10
N GLU A 11 20.38 17.55 0.69
CA GLU A 11 21.10 16.34 0.34
C GLU A 11 22.01 15.99 1.51
N VAL A 12 22.02 14.73 1.92
CA VAL A 12 23.04 14.23 2.84
C VAL A 12 23.82 13.10 2.17
N ILE A 13 25.09 12.96 2.55
CA ILE A 13 25.99 11.92 2.02
C ILE A 13 26.41 10.98 3.15
N LEU A 14 26.18 9.69 2.98
CA LEU A 14 26.36 8.70 4.05
C LEU A 14 27.55 7.78 3.76
N CYS A 15 27.93 6.98 4.77
CA CYS A 15 29.00 5.97 4.65
C CYS A 15 28.74 4.79 5.57
N LYS A 16 28.52 3.60 5.00
CA LYS A 16 28.35 2.39 5.80
C LYS A 16 29.52 2.23 6.76
N ASP A 17 29.22 1.93 8.02
CA ASP A 17 30.25 1.78 9.05
C ASP A 17 30.97 0.45 8.86
N GLN A 18 31.83 0.15 9.82
CA GLN A 18 32.76 -0.95 9.70
C GLN A 18 32.00 -2.25 9.43
N ASP A 19 30.78 -2.37 9.99
CA ASP A 19 30.01 -3.61 9.92
C ASP A 19 28.98 -3.57 8.80
N GLY A 20 28.98 -2.51 7.98
CA GLY A 20 28.08 -2.41 6.83
C GLY A 20 26.70 -1.83 7.15
N LYS A 21 26.63 -1.05 8.24
CA LYS A 21 25.39 -0.51 8.76
C LYS A 21 25.36 1.01 8.57
N ILE A 22 24.17 1.57 8.37
CA ILE A 22 24.06 3.02 8.43
C ILE A 22 23.23 3.42 9.63
N GLY A 23 22.43 2.53 10.19
CA GLY A 23 21.78 2.77 11.47
C GLY A 23 20.35 3.33 11.33
N LEU A 24 19.61 2.85 10.35
CA LEU A 24 18.39 3.50 9.90
C LEU A 24 17.34 2.43 9.58
N ARG A 25 16.11 2.61 10.08
CA ARG A 25 14.94 1.91 9.58
C ARG A 25 14.03 2.89 8.83
N LEU A 26 13.33 2.38 7.82
CA LEU A 26 12.53 3.18 6.91
C LEU A 26 11.12 2.58 6.91
N LYS A 27 10.11 3.43 6.64
CA LYS A 27 8.70 3.04 6.67
C LYS A 27 7.95 3.72 5.52
N SER A 28 7.17 2.91 4.80
CA SER A 28 6.27 3.41 3.77
C SER A 28 5.10 4.15 4.42
N ILE A 29 4.90 5.42 4.05
CA ILE A 29 3.73 6.15 4.49
C ILE A 29 3.17 6.95 3.32
N ASP A 30 1.89 6.75 2.99
CA ASP A 30 1.24 7.54 1.94
C ASP A 30 2.15 7.60 0.69
N ASN A 31 2.66 6.44 0.27
CA ASN A 31 3.51 6.32 -0.91
C ASN A 31 4.75 7.21 -0.81
N GLY A 32 5.20 7.40 0.43
CA GLY A 32 6.51 8.01 0.67
C GLY A 32 7.32 7.06 1.53
N ILE A 33 8.54 7.47 1.88
CA ILE A 33 9.34 6.68 2.80
C ILE A 33 9.84 7.63 3.87
N PHE A 34 9.66 7.20 5.11
CA PHE A 34 9.97 8.00 6.27
C PHE A 34 10.94 7.25 7.19
N VAL A 35 11.74 8.02 7.97
CA VAL A 35 12.61 7.51 9.00
C VAL A 35 11.77 7.08 10.21
N GLN A 36 11.82 5.78 10.48
CA GLN A 36 11.18 5.17 11.62
C GLN A 36 12.17 5.12 12.78
N LEU A 37 13.48 5.07 12.51
CA LEU A 37 14.44 4.95 13.60
C LEU A 37 15.83 5.29 13.15
N VAL A 38 16.48 6.23 13.85
CA VAL A 38 17.90 6.50 13.72
C VAL A 38 18.62 5.95 14.95
N GLN A 39 19.62 5.10 14.70
CA GLN A 39 20.37 4.42 15.75
C GLN A 39 21.48 5.35 16.25
N ALA A 40 21.77 5.28 17.55
CA ALA A 40 22.75 6.16 18.17
C ALA A 40 24.13 5.73 17.71
N ASN A 41 25.01 6.72 17.44
CA ASN A 41 26.40 6.50 17.06
C ASN A 41 26.45 5.76 15.73
N SER A 42 25.67 6.23 14.75
CA SER A 42 25.59 5.58 13.46
C SER A 42 25.92 6.59 12.39
N PRO A 43 26.23 6.15 11.17
CA PRO A 43 26.33 7.09 10.05
C PRO A 43 25.13 8.04 10.02
N ALA A 44 23.94 7.45 10.25
CA ALA A 44 22.71 8.17 9.99
C ALA A 44 22.53 9.28 11.00
N SER A 45 22.99 9.08 12.25
CA SER A 45 23.02 10.16 13.23
C SER A 45 24.04 11.25 12.85
N LEU A 46 25.25 10.88 12.45
CA LEU A 46 26.27 11.89 12.23
C LEU A 46 25.84 12.84 11.11
N VAL A 47 25.17 12.34 10.09
CA VAL A 47 24.81 13.24 9.00
C VAL A 47 23.55 14.01 9.38
N GLY A 48 22.92 13.57 10.49
CA GLY A 48 21.84 14.32 11.10
C GLY A 48 20.46 13.90 10.61
N LEU A 49 20.27 12.62 10.24
CA LEU A 49 18.93 12.09 9.97
C LEU A 49 18.15 12.02 11.28
N ARG A 50 16.83 12.24 11.15
CA ARG A 50 15.96 12.43 12.29
C ARG A 50 14.72 11.58 12.09
N PHE A 51 14.23 10.96 13.16
CA PHE A 51 12.89 10.40 13.14
C PHE A 51 11.91 11.38 12.50
N GLY A 52 11.11 10.85 11.57
CA GLY A 52 10.04 11.59 10.92
C GLY A 52 10.49 12.15 9.58
N ASP A 53 11.80 12.07 9.34
CA ASP A 53 12.35 12.63 8.13
C ASP A 53 11.80 11.82 6.95
N GLN A 54 11.66 12.51 5.82
CA GLN A 54 11.22 11.90 4.59
C GLN A 54 12.40 11.72 3.63
N VAL A 55 12.48 10.53 3.02
CA VAL A 55 13.57 10.20 2.12
C VAL A 55 13.02 10.23 0.70
N LEU A 56 13.38 11.28 -0.04
CA LEU A 56 12.86 11.52 -1.38
C LEU A 56 13.63 10.68 -2.39
N GLN A 57 14.96 10.74 -2.29
CA GLN A 57 15.81 9.89 -3.10
C GLN A 57 16.92 9.21 -2.31
N ILE A 58 17.33 8.07 -2.88
CA ILE A 58 18.44 7.25 -2.44
C ILE A 58 19.29 6.99 -3.67
N ASN A 59 20.47 7.61 -3.72
CA ASN A 59 21.35 7.45 -4.87
C ASN A 59 20.59 7.89 -6.12
N GLY A 60 19.89 9.01 -6.00
CA GLY A 60 19.31 9.68 -7.15
C GLY A 60 18.07 9.00 -7.70
N GLU A 61 17.55 7.99 -6.98
CA GLU A 61 16.31 7.32 -7.38
C GLU A 61 15.16 7.68 -6.43
N ASN A 62 13.96 7.73 -6.98
CA ASN A 62 12.81 8.20 -6.22
C ASN A 62 12.29 7.10 -5.31
N CYS A 63 11.88 7.45 -4.09
CA CYS A 63 11.39 6.44 -3.17
C CYS A 63 9.88 6.19 -3.32
N ALA A 64 9.21 7.01 -4.14
CA ALA A 64 7.76 7.05 -4.21
C ALA A 64 7.20 5.68 -4.53
N GLY A 65 6.31 5.19 -3.68
CA GLY A 65 5.62 3.93 -3.89
C GLY A 65 6.33 2.69 -3.34
N TRP A 66 7.63 2.81 -3.01
CA TRP A 66 8.40 1.71 -2.44
C TRP A 66 7.79 1.19 -1.14
N SER A 67 7.81 -0.14 -0.99
CA SER A 67 7.56 -0.81 0.29
C SER A 67 8.72 -0.52 1.23
N SER A 68 8.49 -0.72 2.53
CA SER A 68 9.58 -0.74 3.49
C SER A 68 10.63 -1.79 3.12
N ASP A 69 10.19 -3.01 2.79
CA ASP A 69 11.09 -4.07 2.39
C ASP A 69 12.09 -3.59 1.32
N LYS A 70 11.59 -2.84 0.32
CA LYS A 70 12.42 -2.45 -0.82
C LYS A 70 13.42 -1.36 -0.45
N ALA A 71 12.97 -0.44 0.37
CA ALA A 71 13.85 0.62 0.86
C ALA A 71 15.06 -0.03 1.51
N HIS A 72 14.79 -0.99 2.39
CA HIS A 72 15.81 -1.72 3.14
C HIS A 72 16.70 -2.55 2.22
N LYS A 73 16.09 -3.27 1.28
CA LYS A 73 16.87 -4.02 0.30
C LYS A 73 17.67 -3.05 -0.55
N VAL A 74 17.06 -1.90 -0.89
CA VAL A 74 17.86 -0.96 -1.67
C VAL A 74 19.12 -0.62 -0.89
N LEU A 75 18.98 -0.27 0.40
CA LEU A 75 20.09 0.15 1.22
C LEU A 75 21.19 -0.92 1.25
N LYS A 76 20.81 -2.19 1.45
CA LYS A 76 21.77 -3.28 1.50
C LYS A 76 22.55 -3.36 0.19
N GLN A 77 21.89 -3.35 -0.99
CA GLN A 77 22.59 -3.55 -2.25
C GLN A 77 23.56 -2.41 -2.60
N ALA A 78 23.48 -1.27 -1.91
CA ALA A 78 24.27 -0.09 -2.26
C ALA A 78 25.73 -0.24 -1.82
N PHE A 79 26.65 0.28 -2.67
CA PHE A 79 28.08 0.31 -2.42
C PHE A 79 28.44 1.45 -1.46
N GLY A 80 28.44 1.16 -0.16
CA GLY A 80 28.44 2.21 0.85
C GLY A 80 29.79 2.91 1.07
N GLU A 81 30.55 3.18 -0.01
CA GLU A 81 31.57 4.23 -0.01
C GLU A 81 30.83 5.57 0.06
N LYS A 82 29.72 5.65 -0.68
CA LYS A 82 28.97 6.88 -0.79
C LYS A 82 27.50 6.54 -1.06
N ILE A 83 26.65 6.83 -0.07
CA ILE A 83 25.22 6.89 -0.30
C ILE A 83 24.74 8.35 -0.18
N THR A 84 24.07 8.79 -1.25
CA THR A 84 23.41 10.10 -1.26
C THR A 84 21.94 9.88 -0.92
N MET A 85 21.38 10.88 -0.25
CA MET A 85 19.98 10.81 0.09
C MET A 85 19.43 12.22 0.01
N THR A 86 18.24 12.32 -0.56
CA THR A 86 17.55 13.59 -0.63
C THR A 86 16.40 13.57 0.36
N ILE A 87 16.38 14.55 1.26
CA ILE A 87 15.62 14.52 2.52
C ILE A 87 14.62 15.66 2.56
N ARG A 88 13.38 15.39 2.96
CA ARG A 88 12.52 16.48 3.38
C ARG A 88 12.40 16.45 4.90
N ASP A 89 12.69 17.59 5.52
CA ASP A 89 12.80 17.72 6.95
C ASP A 89 11.45 17.51 7.61
N ARG A 90 11.44 16.65 8.65
CA ARG A 90 10.33 16.17 9.46
C ARG A 90 8.97 16.72 9.05
N PRO A 91 8.45 16.30 7.89
CA PRO A 91 7.28 16.93 7.29
C PRO A 91 5.95 16.72 7.99
N PHE A 92 5.83 15.69 8.83
CA PHE A 92 4.61 15.48 9.60
C PHE A 92 4.71 16.17 10.96
N GLU A 93 5.75 16.96 11.22
CA GLU A 93 5.87 17.54 12.56
C GLU A 93 5.84 19.07 12.51
N ARG A 94 5.67 19.64 13.71
CA ARG A 94 5.74 21.06 13.93
C ARG A 94 6.42 21.32 15.27
N THR A 95 7.06 22.48 15.35
CA THR A 95 7.67 22.88 16.60
C THR A 95 6.85 23.97 17.26
N ILE A 96 6.74 23.88 18.60
CA ILE A 96 6.14 24.89 19.47
C ILE A 96 7.17 25.35 20.52
N THR A 97 7.40 26.67 20.57
CA THR A 97 8.15 27.29 21.65
C THR A 97 7.17 27.78 22.71
N MET A 98 7.57 27.66 23.98
CA MET A 98 6.79 27.97 25.16
C MET A 98 7.76 28.40 26.27
N HIS A 99 7.30 29.20 27.26
CA HIS A 99 8.13 29.65 28.37
C HIS A 99 7.49 29.17 29.67
N LYS A 100 8.29 28.62 30.60
CA LYS A 100 7.75 28.08 31.85
C LYS A 100 7.29 29.22 32.77
N ASP A 101 6.31 28.95 33.64
CA ASP A 101 5.87 29.93 34.62
C ASP A 101 6.91 30.01 35.74
N SER A 102 6.57 30.56 36.90
CA SER A 102 7.55 30.61 37.98
C SER A 102 7.49 29.32 38.80
N THR A 103 6.41 28.54 38.58
CA THR A 103 6.30 27.18 39.09
C THR A 103 6.96 26.19 38.13
N GLY A 104 7.71 26.70 37.13
CA GLY A 104 8.42 25.88 36.17
C GLY A 104 7.54 25.21 35.10
N HIS A 105 6.20 25.32 35.19
CA HIS A 105 5.28 24.63 34.29
C HIS A 105 5.18 25.32 32.92
N VAL A 106 4.92 24.50 31.87
CA VAL A 106 4.61 24.99 30.54
C VAL A 106 3.09 24.93 30.32
N GLY A 107 2.47 23.85 30.77
CA GLY A 107 1.05 23.87 31.05
C GLY A 107 0.27 22.81 30.28
N PHE A 108 0.78 21.56 30.26
CA PHE A 108 0.03 20.40 29.77
C PHE A 108 0.36 19.15 30.57
N ILE A 109 -0.45 18.11 30.32
CA ILE A 109 -0.25 16.74 30.76
C ILE A 109 -0.06 15.85 29.53
N PHE A 110 0.83 14.84 29.67
CA PHE A 110 1.02 13.83 28.64
C PHE A 110 1.04 12.44 29.27
N LYS A 111 0.77 11.41 28.45
CA LYS A 111 0.87 10.02 28.86
C LYS A 111 1.32 9.16 27.68
N ASN A 112 2.41 8.36 27.87
CA ASN A 112 3.10 7.62 26.82
C ASN A 112 3.50 8.52 25.66
N GLY A 113 4.14 9.65 26.00
CA GLY A 113 4.65 10.62 25.05
C GLY A 113 3.58 11.57 24.51
N LYS A 114 2.30 11.29 24.81
CA LYS A 114 1.16 11.88 24.10
C LYS A 114 0.44 12.93 24.96
N ILE A 115 0.39 14.17 24.45
CA ILE A 115 -0.20 15.31 25.14
C ILE A 115 -1.70 15.05 25.21
N THR A 116 -2.27 14.98 26.44
CA THR A 116 -3.67 14.56 26.64
C THR A 116 -4.57 15.68 27.14
N SER A 117 -4.01 16.75 27.69
CA SER A 117 -4.86 17.86 28.07
C SER A 117 -3.99 19.11 28.18
N ILE A 118 -4.65 20.27 28.10
CA ILE A 118 -3.96 21.55 28.17
C ILE A 118 -4.54 22.37 29.34
N VAL A 119 -3.67 23.13 30.02
CA VAL A 119 -4.02 23.67 31.32
C VAL A 119 -4.27 25.17 31.20
N LYS A 120 -5.45 25.58 31.67
CA LYS A 120 -6.02 26.90 31.44
C LYS A 120 -4.97 27.94 31.83
N ASP A 121 -4.87 29.02 31.05
CA ASP A 121 -4.03 30.18 31.35
C ASP A 121 -2.53 29.87 31.32
N SER A 122 -2.10 28.83 30.58
CA SER A 122 -0.70 28.47 30.50
C SER A 122 -0.09 28.97 29.20
N SER A 123 1.23 28.79 29.08
CA SER A 123 1.95 29.06 27.84
C SER A 123 1.55 28.01 26.79
N ALA A 124 1.45 26.75 27.23
CA ALA A 124 0.85 25.69 26.43
C ALA A 124 -0.46 26.17 25.77
N ALA A 125 -1.33 26.75 26.59
CA ALA A 125 -2.61 27.24 26.11
C ALA A 125 -2.40 28.46 25.23
N ARG A 126 -1.51 29.37 25.64
CA ARG A 126 -1.33 30.60 24.89
C ARG A 126 -0.82 30.26 23.50
N ASN A 127 -0.11 29.13 23.35
CA ASN A 127 0.63 28.85 22.12
C ASN A 127 -0.08 27.84 21.21
N GLY A 128 -1.26 27.37 21.65
CA GLY A 128 -2.13 26.54 20.85
C GLY A 128 -1.56 25.13 20.70
N LEU A 129 -0.91 24.68 21.78
CA LEU A 129 -0.51 23.29 21.87
C LEU A 129 -1.77 22.45 21.83
N LEU A 130 -1.68 21.27 21.21
CA LEU A 130 -2.84 20.47 20.87
C LEU A 130 -2.70 19.13 21.54
N THR A 131 -3.83 18.49 21.85
CA THR A 131 -3.81 17.17 22.42
C THR A 131 -3.82 16.16 21.29
N GLU A 132 -3.77 14.86 21.64
CA GLU A 132 -3.71 13.83 20.63
C GLU A 132 -2.49 14.00 19.74
N HIS A 133 -1.38 14.52 20.28
CA HIS A 133 -0.13 14.61 19.53
C HIS A 133 1.00 13.99 20.37
N ASN A 134 1.77 13.06 19.79
CA ASN A 134 2.89 12.43 20.50
C ASN A 134 4.05 13.41 20.49
N ILE A 135 4.84 13.39 21.57
CA ILE A 135 6.04 14.22 21.64
C ILE A 135 7.20 13.47 20.95
N CYS A 136 7.95 14.18 20.10
CA CYS A 136 8.96 13.59 19.24
C CYS A 136 10.36 14.01 19.70
N GLU A 137 10.49 15.31 19.99
CA GLU A 137 11.72 15.90 20.48
C GLU A 137 11.41 16.90 21.61
N ILE A 138 12.49 17.46 22.22
CA ILE A 138 12.46 18.62 23.11
C ILE A 138 13.77 19.44 23.02
N ASN A 139 13.64 20.74 22.77
CA ASN A 139 14.80 21.58 22.52
C ASN A 139 15.76 20.90 21.54
N GLY A 140 15.22 20.07 20.64
CA GLY A 140 15.98 19.44 19.58
C GLY A 140 16.48 18.03 19.93
N GLN A 141 16.11 17.48 21.10
CA GLN A 141 16.60 16.18 21.53
C GLN A 141 15.52 15.12 21.30
N ASN A 142 15.78 14.11 20.46
CA ASN A 142 14.82 13.03 20.31
C ASN A 142 14.49 12.49 21.70
N VAL A 143 13.21 12.16 21.99
CA VAL A 143 12.78 11.61 23.27
C VAL A 143 11.78 10.48 23.07
N ILE A 144 11.80 9.86 21.89
CA ILE A 144 10.84 8.83 21.58
C ILE A 144 11.29 7.54 22.23
N GLY A 145 10.48 6.99 23.13
CA GLY A 145 10.75 5.67 23.71
C GLY A 145 11.02 5.72 25.21
N LEU A 146 11.67 6.83 25.64
CA LEU A 146 11.92 7.14 27.04
C LEU A 146 10.61 7.08 27.80
N LYS A 147 10.70 6.85 29.12
CA LYS A 147 9.54 6.80 29.97
C LYS A 147 9.03 8.22 30.12
N ASP A 148 7.80 8.36 30.61
CA ASP A 148 7.22 9.68 30.79
C ASP A 148 8.10 10.38 31.82
N SER A 149 8.45 9.57 32.84
CA SER A 149 9.42 9.87 33.88
C SER A 149 10.58 10.70 33.34
N GLN A 150 11.28 10.15 32.34
CA GLN A 150 12.53 10.71 31.84
C GLN A 150 12.25 11.96 31.00
N ILE A 151 11.03 12.08 30.46
CA ILE A 151 10.69 13.22 29.64
C ILE A 151 10.40 14.40 30.58
N ALA A 152 9.76 14.12 31.72
CA ALA A 152 9.60 15.13 32.77
C ALA A 152 10.96 15.68 33.23
N ASP A 153 11.93 14.79 33.43
CA ASP A 153 13.27 15.17 33.88
C ASP A 153 14.00 16.06 32.86
N ILE A 154 13.67 15.95 31.57
CA ILE A 154 14.30 16.78 30.54
C ILE A 154 13.68 18.16 30.58
N LEU A 155 12.38 18.19 30.93
CA LEU A 155 11.57 19.38 30.86
C LEU A 155 11.91 20.30 32.02
N SER A 156 11.97 19.70 33.22
CA SER A 156 12.44 20.38 34.44
C SER A 156 13.82 21.02 34.23
N THR A 157 14.76 20.35 33.57
CA THR A 157 16.13 20.85 33.50
C THR A 157 16.39 21.65 32.22
N SER A 158 15.35 22.25 31.65
CA SER A 158 15.50 22.79 30.31
C SER A 158 15.88 24.27 30.29
N GLY A 159 15.61 25.01 31.35
CA GLY A 159 15.61 26.46 31.21
C GLY A 159 14.19 26.94 30.93
N THR A 160 14.03 28.23 30.58
CA THR A 160 12.67 28.77 30.55
C THR A 160 12.05 28.50 29.18
N VAL A 161 12.65 29.01 28.08
CA VAL A 161 12.31 28.63 26.71
C VAL A 161 12.47 27.11 26.52
N VAL A 162 11.32 26.41 26.44
CA VAL A 162 11.22 25.00 26.13
C VAL A 162 10.67 24.86 24.72
N THR A 163 11.22 23.93 23.95
CA THR A 163 10.86 23.78 22.55
C THR A 163 10.45 22.35 22.29
N ILE A 164 9.20 22.15 21.87
CA ILE A 164 8.63 20.82 21.75
C ILE A 164 8.28 20.57 20.29
N THR A 165 8.58 19.35 19.84
CA THR A 165 8.28 18.93 18.48
C THR A 165 7.30 17.79 18.56
N ILE A 166 6.13 18.06 17.97
CA ILE A 166 5.01 17.17 18.06
C ILE A 166 4.63 16.62 16.68
N MET A 167 3.83 15.54 16.71
CA MET A 167 3.31 14.86 15.55
C MET A 167 1.90 14.34 15.86
N PRO A 168 0.91 14.55 14.98
CA PRO A 168 -0.39 13.89 15.12
C PRO A 168 -0.22 12.42 15.44
N ALA A 169 -0.88 12.02 16.53
CA ALA A 169 -0.82 10.66 17.06
C ALA A 169 -1.03 9.60 15.99
N PHE A 170 -2.09 9.76 15.20
N PHE A 170 -2.06 9.77 15.18
CA PHE A 170 -2.45 8.77 14.19
CA PHE A 170 -2.43 8.74 14.22
C PHE A 170 -1.28 8.53 13.27
C PHE A 170 -1.28 8.53 13.24
N ILE A 171 -0.55 9.60 12.91
CA ILE A 171 0.60 9.50 12.02
C ILE A 171 1.73 8.81 12.75
N PHE A 172 1.97 9.25 13.98
CA PHE A 172 2.97 8.69 14.85
C PHE A 172 2.75 7.19 15.04
N GLU A 173 1.52 6.78 15.43
CA GLU A 173 1.26 5.37 15.63
C GLU A 173 1.43 4.61 14.31
N HIS A 174 1.24 5.29 13.18
CA HIS A 174 1.40 4.61 11.90
C HIS A 174 2.88 4.41 11.60
N ILE A 175 3.74 5.37 11.97
CA ILE A 175 5.16 5.27 11.70
C ILE A 175 5.82 4.15 12.51
N ILE A 176 5.50 4.04 13.79
CA ILE A 176 6.23 3.16 14.69
C ILE A 176 5.69 1.73 14.72
N LYS A 177 4.58 1.41 14.03
CA LYS A 177 4.04 0.04 14.03
C LYS A 177 5.09 -0.94 13.51
N ARG A 178 5.09 -2.15 14.10
CA ARG A 178 5.97 -3.26 13.71
C ARG A 178 7.41 -3.03 14.19
N MET A 179 7.60 -2.00 15.04
CA MET A 179 8.86 -1.77 15.75
C MET A 179 8.62 -1.99 17.25
N ALA A 180 9.36 -2.94 17.82
CA ALA A 180 9.17 -3.37 19.20
C ALA A 180 9.57 -2.24 20.15
N PRO A 181 8.73 -1.90 21.16
CA PRO A 181 8.96 -0.70 21.98
C PRO A 181 10.32 -0.61 22.69
N SER A 182 11.00 -1.75 22.91
CA SER A 182 12.28 -1.77 23.60
C SER A 182 13.39 -1.29 22.68
N ILE A 183 13.27 -1.62 21.39
CA ILE A 183 14.26 -1.20 20.39
C ILE A 183 14.27 0.33 20.36
N MET A 184 13.06 0.90 20.29
CA MET A 184 12.79 2.32 20.42
C MET A 184 13.56 2.90 21.62
N LYS A 185 13.36 2.27 22.79
CA LYS A 185 13.90 2.71 24.09
C LYS A 185 15.43 2.67 24.11
N SER A 186 16.02 1.53 23.77
CA SER A 186 17.46 1.36 23.84
C SER A 186 18.14 2.06 22.68
N LEU A 187 17.59 1.94 21.46
CA LEU A 187 18.38 2.11 20.24
C LEU A 187 18.10 3.41 19.49
N MET A 188 16.92 4.03 19.66
CA MET A 188 16.66 5.33 19.04
C MET A 188 17.63 6.38 19.60
N ASP A 189 18.22 7.12 18.67
CA ASP A 189 19.20 8.12 19.03
C ASP A 189 18.57 9.23 19.87
N HIS A 190 18.79 9.20 21.19
CA HIS A 190 18.29 10.23 22.08
C HIS A 190 19.31 11.29 22.43
N THR A 191 20.39 11.41 21.64
CA THR A 191 21.53 12.21 22.04
C THR A 191 21.49 13.57 21.37
N ILE A 192 22.07 14.54 22.06
CA ILE A 192 22.31 15.86 21.52
C ILE A 192 23.30 15.66 20.38
N PRO A 193 23.28 16.48 19.29
CA PRO A 193 24.24 16.35 18.19
C PRO A 193 25.68 16.77 18.44
N GLU A 194 26.59 15.99 17.88
CA GLU A 194 28.02 16.27 17.85
C GLU A 194 28.31 17.45 16.92
N VAL A 195 29.34 18.24 17.27
CA VAL A 195 29.96 19.19 16.34
C VAL A 195 31.50 19.00 16.33
N ALA B 3 22.92 -29.68 0.17
CA ALA B 3 22.37 -30.69 1.11
C ALA B 3 23.44 -31.22 2.05
N GLU B 4 24.70 -31.28 1.56
CA GLU B 4 25.81 -31.87 2.30
C GLU B 4 26.14 -31.01 3.52
N ILE B 5 26.37 -31.71 4.65
CA ILE B 5 26.54 -31.08 5.95
C ILE B 5 27.94 -30.44 5.98
N LYS B 6 27.98 -29.13 6.22
CA LYS B 6 29.23 -28.37 6.20
C LYS B 6 29.86 -28.46 7.60
N GLN B 7 31.17 -28.72 7.61
CA GLN B 7 31.94 -28.81 8.84
C GLN B 7 32.28 -27.39 9.31
N GLY B 8 32.53 -27.24 10.62
CA GLY B 8 32.74 -25.94 11.22
C GLY B 8 31.55 -24.98 11.05
N ILE B 9 31.88 -23.70 10.92
CA ILE B 9 31.05 -22.59 11.34
C ILE B 9 30.93 -21.58 10.21
N ARG B 10 29.76 -20.95 10.04
CA ARG B 10 29.69 -19.78 9.17
C ARG B 10 28.96 -18.62 9.86
N GLU B 11 29.17 -17.44 9.27
CA GLU B 11 28.50 -16.21 9.69
C GLU B 11 27.36 -16.03 8.72
N VAL B 12 26.12 -15.88 9.23
CA VAL B 12 25.03 -15.50 8.37
C VAL B 12 24.60 -14.10 8.76
N ILE B 13 24.15 -13.31 7.78
CA ILE B 13 23.68 -11.95 8.02
C ILE B 13 22.21 -11.87 7.70
N LEU B 14 21.46 -11.31 8.66
CA LEU B 14 20.01 -11.26 8.67
C LEU B 14 19.54 -9.83 8.87
N CYS B 15 18.21 -9.72 8.87
CA CYS B 15 17.52 -8.48 9.16
C CYS B 15 16.03 -8.79 9.31
N LYS B 16 15.32 -7.96 10.07
CA LYS B 16 13.89 -8.14 10.21
C LYS B 16 13.20 -7.58 8.97
N ASP B 17 12.04 -8.15 8.67
CA ASP B 17 11.19 -7.64 7.62
C ASP B 17 10.33 -6.50 8.16
N GLN B 18 9.53 -5.92 7.27
CA GLN B 18 8.75 -4.73 7.57
C GLN B 18 7.63 -5.03 8.58
N ASP B 19 7.46 -6.29 9.02
CA ASP B 19 6.57 -6.57 10.13
C ASP B 19 7.33 -6.86 11.42
N GLY B 20 8.67 -6.78 11.38
CA GLY B 20 9.50 -6.97 12.57
C GLY B 20 9.92 -8.44 12.78
N LYS B 21 9.60 -9.35 11.83
CA LYS B 21 9.76 -10.79 12.00
C LYS B 21 11.01 -11.27 11.27
N ILE B 22 11.57 -12.38 11.75
CA ILE B 22 12.79 -12.97 11.19
C ILE B 22 12.41 -14.24 10.44
N GLY B 23 11.42 -14.97 10.94
CA GLY B 23 11.03 -16.26 10.37
C GLY B 23 11.64 -17.48 11.05
N LEU B 24 12.18 -17.32 12.28
CA LEU B 24 12.81 -18.39 13.03
C LEU B 24 12.00 -18.72 14.26
N ARG B 25 12.08 -19.98 14.70
CA ARG B 25 11.94 -20.28 16.11
C ARG B 25 13.15 -21.08 16.57
N LEU B 26 13.62 -20.75 17.77
CA LEU B 26 14.80 -21.34 18.36
C LEU B 26 14.38 -22.13 19.58
N LYS B 27 15.11 -23.22 19.83
CA LYS B 27 14.87 -24.11 20.97
C LYS B 27 16.20 -24.53 21.60
N SER B 28 16.15 -24.57 22.95
CA SER B 28 17.23 -24.98 23.84
C SER B 28 17.44 -26.48 23.78
N ILE B 29 18.65 -26.91 23.43
CA ILE B 29 18.98 -28.34 23.38
C ILE B 29 20.41 -28.55 23.90
N ASP B 30 20.55 -29.35 24.97
CA ASP B 30 21.82 -29.69 25.55
C ASP B 30 22.65 -28.41 25.71
N ASN B 31 22.03 -27.33 26.21
CA ASN B 31 22.71 -26.07 26.44
C ASN B 31 23.25 -25.43 25.18
N GLY B 32 22.66 -25.82 24.03
CA GLY B 32 22.86 -25.13 22.77
C GLY B 32 21.52 -24.49 22.39
N ILE B 33 21.53 -23.70 21.32
CA ILE B 33 20.31 -23.20 20.70
C ILE B 33 20.25 -23.69 19.26
N PHE B 34 19.08 -24.19 18.88
CA PHE B 34 18.90 -24.76 17.55
C PHE B 34 17.58 -24.33 16.93
N VAL B 35 17.52 -24.43 15.61
CA VAL B 35 16.40 -23.89 14.85
C VAL B 35 15.32 -24.96 14.78
N GLN B 36 14.15 -24.69 15.40
CA GLN B 36 13.06 -25.62 15.30
C GLN B 36 12.15 -25.30 14.11
N LEU B 37 12.22 -24.08 13.56
CA LEU B 37 11.34 -23.68 12.48
C LEU B 37 11.95 -22.46 11.76
N VAL B 38 11.96 -22.59 10.42
CA VAL B 38 12.22 -21.50 9.48
C VAL B 38 10.94 -21.33 8.68
N GLN B 39 10.52 -20.09 8.40
CA GLN B 39 9.34 -19.82 7.58
C GLN B 39 9.70 -19.44 6.16
N ALA B 40 8.90 -19.91 5.18
CA ALA B 40 9.07 -19.52 3.79
C ALA B 40 8.94 -17.99 3.64
N ASN B 41 9.63 -17.40 2.67
CA ASN B 41 9.45 -15.97 2.44
C ASN B 41 9.59 -15.25 3.77
N SER B 42 10.68 -15.63 4.45
CA SER B 42 11.15 -14.96 5.63
C SER B 42 12.62 -14.59 5.38
N PRO B 43 13.17 -13.56 6.07
CA PRO B 43 14.60 -13.30 6.00
C PRO B 43 15.38 -14.57 6.31
N ALA B 44 14.80 -15.40 7.18
CA ALA B 44 15.51 -16.59 7.61
C ALA B 44 15.68 -17.54 6.44
N SER B 45 14.60 -17.84 5.69
CA SER B 45 14.73 -18.71 4.50
C SER B 45 15.66 -18.06 3.50
N LEU B 46 15.60 -16.73 3.37
CA LEU B 46 16.35 -16.08 2.31
C LEU B 46 17.85 -16.32 2.44
N VAL B 47 18.39 -16.25 3.66
CA VAL B 47 19.82 -16.27 3.90
C VAL B 47 20.25 -17.70 4.23
N GLY B 48 19.26 -18.61 4.25
CA GLY B 48 19.52 -20.03 4.09
C GLY B 48 19.74 -20.72 5.42
N LEU B 49 19.02 -20.24 6.44
CA LEU B 49 18.96 -20.97 7.69
C LEU B 49 18.03 -22.17 7.50
N ARG B 50 18.37 -23.23 8.23
CA ARG B 50 17.70 -24.52 8.10
C ARG B 50 17.33 -25.07 9.48
N PHE B 51 16.23 -25.81 9.51
CA PHE B 51 15.93 -26.71 10.60
C PHE B 51 17.19 -27.49 10.98
N GLY B 52 17.47 -27.51 12.27
CA GLY B 52 18.52 -28.32 12.81
C GLY B 52 19.78 -27.51 12.99
N ASP B 53 19.80 -26.31 12.37
CA ASP B 53 20.97 -25.46 12.48
C ASP B 53 21.19 -25.11 13.95
N GLN B 54 22.47 -24.99 14.34
CA GLN B 54 22.85 -24.56 15.66
C GLN B 54 23.28 -23.09 15.63
N VAL B 55 22.76 -22.31 16.57
CA VAL B 55 23.13 -20.90 16.64
C VAL B 55 24.11 -20.77 17.79
N LEU B 56 25.36 -20.46 17.45
CA LEU B 56 26.43 -20.31 18.43
C LEU B 56 26.40 -18.91 19.01
N GLN B 57 26.14 -17.91 18.17
CA GLN B 57 26.04 -16.52 18.62
C GLN B 57 24.99 -15.74 17.83
N ILE B 58 24.42 -14.71 18.50
CA ILE B 58 23.55 -13.69 17.91
C ILE B 58 24.12 -12.33 18.25
N ASN B 59 24.53 -11.61 17.22
CA ASN B 59 25.15 -10.29 17.44
C ASN B 59 26.32 -10.42 18.41
N GLY B 60 27.08 -11.50 18.32
CA GLY B 60 28.34 -11.62 19.04
C GLY B 60 28.18 -12.03 20.51
N GLU B 61 26.96 -12.34 20.95
CA GLU B 61 26.75 -12.88 22.29
C GLU B 61 26.63 -14.40 22.15
N ASN B 62 27.27 -15.14 23.08
CA ASN B 62 27.23 -16.59 23.06
C ASN B 62 25.85 -17.08 23.53
N CYS B 63 25.23 -17.93 22.72
CA CYS B 63 23.90 -18.47 22.99
C CYS B 63 23.94 -19.57 24.04
N ALA B 64 25.16 -19.98 24.44
CA ALA B 64 25.35 -21.10 25.34
C ALA B 64 24.57 -20.91 26.65
N GLY B 65 23.73 -21.88 27.02
CA GLY B 65 22.97 -21.84 28.26
C GLY B 65 21.60 -21.19 28.08
N TRP B 66 21.39 -20.47 26.97
CA TRP B 66 20.19 -19.68 26.87
C TRP B 66 18.95 -20.57 26.82
N SER B 67 17.89 -20.22 27.55
CA SER B 67 16.61 -20.86 27.32
C SER B 67 16.03 -20.34 26.01
N SER B 68 15.04 -21.09 25.50
CA SER B 68 14.30 -20.73 24.32
C SER B 68 13.71 -19.35 24.49
N ASP B 69 13.09 -19.12 25.66
CA ASP B 69 12.49 -17.83 25.98
C ASP B 69 13.53 -16.73 25.84
N LYS B 70 14.75 -16.92 26.35
CA LYS B 70 15.76 -15.85 26.25
C LYS B 70 16.19 -15.58 24.79
N ALA B 71 16.32 -16.65 24.01
CA ALA B 71 16.74 -16.51 22.63
C ALA B 71 15.70 -15.66 21.87
N HIS B 72 14.45 -16.12 21.99
CA HIS B 72 13.28 -15.45 21.45
C HIS B 72 13.24 -13.97 21.83
N LYS B 73 13.50 -13.66 23.09
CA LYS B 73 13.48 -12.28 23.53
C LYS B 73 14.61 -11.53 22.84
N VAL B 74 15.78 -12.16 22.68
CA VAL B 74 16.91 -11.43 22.16
C VAL B 74 16.62 -11.05 20.71
N LEU B 75 15.94 -11.92 19.98
CA LEU B 75 15.63 -11.66 18.58
C LEU B 75 14.58 -10.56 18.48
N LYS B 76 13.59 -10.66 19.36
CA LYS B 76 12.55 -9.67 19.49
C LYS B 76 13.15 -8.28 19.66
N GLN B 77 14.28 -8.14 20.39
CA GLN B 77 14.86 -6.85 20.74
C GLN B 77 15.96 -6.39 19.79
N ALA B 78 16.36 -7.23 18.83
CA ALA B 78 17.43 -6.86 17.92
C ALA B 78 16.99 -5.77 16.94
N PHE B 79 17.89 -4.84 16.65
CA PHE B 79 17.65 -3.89 15.59
C PHE B 79 17.48 -4.64 14.28
N GLY B 80 16.48 -4.27 13.49
CA GLY B 80 16.15 -5.03 12.30
C GLY B 80 17.20 -4.93 11.20
N GLU B 81 18.07 -3.91 11.21
CA GLU B 81 18.90 -3.61 10.06
C GLU B 81 19.92 -4.73 9.79
N LYS B 82 20.66 -5.10 10.82
CA LYS B 82 21.65 -6.16 10.69
C LYS B 82 21.72 -6.95 11.99
N ILE B 83 21.30 -8.21 11.87
CA ILE B 83 21.44 -9.22 12.90
C ILE B 83 22.48 -10.22 12.37
N THR B 84 23.59 -10.40 13.09
CA THR B 84 24.57 -11.41 12.69
C THR B 84 24.30 -12.70 13.46
N MET B 85 24.49 -13.83 12.80
CA MET B 85 24.43 -15.11 13.49
C MET B 85 25.64 -15.97 13.11
N THR B 86 26.21 -16.60 14.12
CA THR B 86 27.23 -17.59 13.86
C THR B 86 26.59 -18.96 13.99
N ILE B 87 26.74 -19.76 12.92
CA ILE B 87 25.96 -20.95 12.70
C ILE B 87 26.90 -22.14 12.57
N ARG B 88 26.56 -23.26 13.22
CA ARG B 88 27.12 -24.55 12.89
C ARG B 88 26.05 -25.35 12.17
N ASP B 89 26.42 -25.95 11.04
CA ASP B 89 25.45 -26.44 10.09
C ASP B 89 24.91 -27.79 10.52
N ARG B 90 23.57 -27.87 10.73
CA ARG B 90 22.81 -29.07 11.04
C ARG B 90 23.61 -30.15 11.78
N PRO B 91 24.15 -29.86 12.96
CA PRO B 91 25.05 -30.80 13.63
C PRO B 91 24.49 -32.17 13.97
N PHE B 92 23.18 -32.24 14.23
CA PHE B 92 22.55 -33.49 14.64
C PHE B 92 22.11 -34.28 13.41
N GLU B 93 22.27 -33.73 12.19
CA GLU B 93 21.82 -34.45 11.01
C GLU B 93 23.00 -34.93 10.20
N ARG B 94 22.75 -35.90 9.29
CA ARG B 94 23.67 -36.40 8.27
C ARG B 94 22.91 -36.67 6.99
N THR B 95 23.64 -36.68 5.87
CA THR B 95 22.99 -37.00 4.60
C THR B 95 23.50 -38.33 4.07
N ILE B 96 22.66 -38.94 3.23
CA ILE B 96 22.88 -40.25 2.68
C ILE B 96 22.35 -40.21 1.24
N THR B 97 23.15 -40.74 0.32
CA THR B 97 22.82 -40.71 -1.10
C THR B 97 22.59 -42.12 -1.62
N MET B 98 21.54 -42.26 -2.41
CA MET B 98 21.01 -43.55 -2.81
C MET B 98 20.57 -43.48 -4.27
N HIS B 99 20.69 -44.62 -4.98
CA HIS B 99 20.29 -44.76 -6.38
C HIS B 99 19.10 -45.73 -6.45
N LYS B 100 17.95 -45.20 -6.82
CA LYS B 100 16.78 -45.98 -7.20
C LYS B 100 17.15 -47.16 -8.10
N ASP B 101 16.47 -48.29 -7.88
CA ASP B 101 16.62 -49.48 -8.72
C ASP B 101 15.63 -49.31 -9.89
N SER B 102 15.40 -50.41 -10.62
CA SER B 102 14.57 -50.42 -11.81
C SER B 102 13.11 -50.11 -11.49
N THR B 103 12.67 -50.54 -10.28
CA THR B 103 11.31 -50.32 -9.77
C THR B 103 11.19 -48.90 -9.21
N GLY B 104 12.34 -48.25 -9.02
CA GLY B 104 12.40 -46.87 -8.59
C GLY B 104 12.37 -46.70 -7.07
N HIS B 105 12.94 -47.67 -6.34
CA HIS B 105 12.95 -47.67 -4.88
C HIS B 105 14.39 -47.62 -4.39
N VAL B 106 14.63 -46.84 -3.32
CA VAL B 106 15.95 -46.78 -2.73
C VAL B 106 16.03 -47.81 -1.62
N GLY B 107 14.89 -48.06 -0.98
CA GLY B 107 14.70 -49.29 -0.23
C GLY B 107 14.42 -49.12 1.26
N PHE B 108 13.36 -48.40 1.64
CA PHE B 108 13.03 -48.37 3.05
C PHE B 108 11.54 -48.07 3.28
N ILE B 109 11.13 -48.33 4.51
CA ILE B 109 9.78 -48.02 4.93
C ILE B 109 9.86 -46.91 5.98
N PHE B 110 8.85 -46.05 6.01
CA PHE B 110 8.81 -45.02 7.03
C PHE B 110 7.35 -44.79 7.34
N LYS B 111 7.11 -44.04 8.41
CA LYS B 111 5.81 -43.77 9.01
C LYS B 111 5.95 -42.49 9.85
N ASN B 112 5.08 -41.52 9.65
CA ASN B 112 5.27 -40.17 10.17
C ASN B 112 6.70 -39.68 9.90
N GLY B 113 7.14 -39.89 8.66
CA GLY B 113 8.48 -39.48 8.27
C GLY B 113 9.59 -40.00 9.19
N LYS B 114 9.34 -41.08 9.95
CA LYS B 114 10.41 -41.76 10.66
C LYS B 114 10.63 -43.09 9.96
N ILE B 115 11.91 -43.41 9.72
CA ILE B 115 12.27 -44.58 8.93
C ILE B 115 12.18 -45.79 9.84
N THR B 116 11.40 -46.80 9.43
CA THR B 116 11.10 -47.95 10.30
C THR B 116 11.70 -49.24 9.81
N SER B 117 11.99 -49.36 8.52
CA SER B 117 12.53 -50.64 8.08
C SER B 117 13.48 -50.47 6.89
N ILE B 118 14.49 -51.32 6.80
CA ILE B 118 15.42 -51.20 5.69
C ILE B 118 15.27 -52.40 4.75
N VAL B 119 14.85 -52.15 3.50
CA VAL B 119 14.64 -53.22 2.55
C VAL B 119 15.98 -53.89 2.26
N LYS B 120 15.95 -55.19 1.97
CA LYS B 120 17.13 -56.04 1.87
C LYS B 120 17.78 -55.87 0.48
N ASP B 121 19.11 -55.97 0.44
CA ASP B 121 19.90 -55.77 -0.76
C ASP B 121 19.47 -54.54 -1.58
N SER B 122 19.10 -53.42 -0.92
CA SER B 122 18.77 -52.17 -1.59
C SER B 122 19.93 -51.17 -1.55
N SER B 123 19.76 -50.05 -2.29
CA SER B 123 20.67 -48.93 -2.14
C SER B 123 20.66 -48.44 -0.69
N ALA B 124 19.46 -48.34 -0.10
CA ALA B 124 19.35 -47.96 1.29
C ALA B 124 20.24 -48.85 2.15
N ALA B 125 20.24 -50.16 1.85
CA ALA B 125 21.03 -51.10 2.63
C ALA B 125 22.53 -50.93 2.36
N ARG B 126 22.89 -50.73 1.07
CA ARG B 126 24.28 -50.63 0.68
C ARG B 126 24.94 -49.43 1.37
N ASN B 127 24.13 -48.39 1.65
CA ASN B 127 24.65 -47.12 2.13
C ASN B 127 24.38 -46.91 3.62
N GLY B 128 23.85 -47.91 4.31
CA GLY B 128 23.85 -47.92 5.77
C GLY B 128 22.87 -46.95 6.39
N LEU B 129 21.74 -46.76 5.70
CA LEU B 129 20.61 -46.00 6.20
C LEU B 129 20.12 -46.70 7.46
N LEU B 130 19.69 -45.89 8.43
CA LEU B 130 19.37 -46.34 9.77
C LEU B 130 17.87 -46.21 10.03
N THR B 131 17.34 -47.11 10.86
CA THR B 131 15.97 -46.90 11.28
C THR B 131 15.98 -45.91 12.43
N GLU B 132 14.79 -45.53 12.86
CA GLU B 132 14.64 -44.77 14.07
C GLU B 132 15.34 -43.44 13.85
N HIS B 133 15.17 -42.95 12.61
CA HIS B 133 15.64 -41.64 12.20
C HIS B 133 14.54 -40.97 11.38
N ASN B 134 14.32 -39.68 11.71
CA ASN B 134 13.31 -38.88 11.07
C ASN B 134 13.93 -38.29 9.81
N ILE B 135 13.16 -38.25 8.73
CA ILE B 135 13.59 -37.61 7.49
C ILE B 135 13.32 -36.11 7.62
N CYS B 136 14.38 -35.29 7.56
CA CYS B 136 14.29 -33.84 7.65
C CYS B 136 14.29 -33.18 6.28
N GLU B 137 15.21 -33.61 5.42
CA GLU B 137 15.21 -33.10 4.06
C GLU B 137 15.38 -34.26 3.07
N ILE B 138 14.91 -34.01 1.82
CA ILE B 138 15.23 -34.76 0.63
C ILE B 138 15.80 -33.84 -0.45
N ASN B 139 16.99 -34.16 -0.98
CA ASN B 139 17.63 -33.34 -2.01
C ASN B 139 17.76 -31.88 -1.54
N GLY B 140 18.00 -31.64 -0.25
CA GLY B 140 18.14 -30.29 0.29
C GLY B 140 16.80 -29.62 0.65
N GLN B 141 15.69 -30.23 0.24
CA GLN B 141 14.38 -29.69 0.56
C GLN B 141 13.91 -30.15 1.94
N ASN B 142 13.58 -29.21 2.82
CA ASN B 142 12.89 -29.50 4.07
C ASN B 142 11.52 -30.16 3.83
N VAL B 143 11.26 -31.32 4.45
CA VAL B 143 9.99 -32.02 4.29
C VAL B 143 9.33 -32.27 5.65
N ILE B 144 9.70 -31.47 6.65
CA ILE B 144 9.22 -31.67 8.02
C ILE B 144 7.81 -31.12 8.19
N GLY B 145 6.88 -31.99 8.62
CA GLY B 145 5.45 -31.67 8.75
C GLY B 145 4.61 -32.05 7.53
N LEU B 146 5.24 -32.44 6.42
CA LEU B 146 4.54 -33.00 5.29
C LEU B 146 3.98 -34.36 5.66
N LYS B 147 2.83 -34.71 5.03
CA LYS B 147 2.21 -36.02 5.18
C LYS B 147 3.12 -37.07 4.55
N ASP B 148 3.10 -38.29 5.08
CA ASP B 148 3.88 -39.37 4.50
C ASP B 148 3.74 -39.44 2.98
N SER B 149 2.55 -39.16 2.45
CA SER B 149 2.34 -39.32 1.03
C SER B 149 3.01 -38.20 0.22
N GLN B 150 3.15 -37.00 0.82
CA GLN B 150 3.82 -35.89 0.15
C GLN B 150 5.33 -36.18 0.03
N ILE B 151 5.93 -36.66 1.10
CA ILE B 151 7.29 -37.15 1.08
C ILE B 151 7.42 -38.24 0.00
N ALA B 152 6.36 -39.04 -0.19
CA ALA B 152 6.39 -40.10 -1.20
C ALA B 152 6.51 -39.51 -2.59
N ASP B 153 5.58 -38.62 -2.94
CA ASP B 153 5.60 -37.92 -4.22
C ASP B 153 6.99 -37.35 -4.49
N ILE B 154 7.60 -36.72 -3.46
CA ILE B 154 8.86 -36.00 -3.60
C ILE B 154 9.99 -36.99 -3.92
N LEU B 155 10.00 -38.12 -3.23
CA LEU B 155 10.89 -39.20 -3.59
C LEU B 155 10.68 -39.56 -5.06
N SER B 156 9.44 -39.48 -5.55
CA SER B 156 9.16 -40.06 -6.87
C SER B 156 9.65 -39.12 -7.96
N THR B 157 9.28 -37.83 -7.83
CA THR B 157 9.61 -36.78 -8.78
C THR B 157 11.05 -36.29 -8.58
N SER B 158 12.03 -37.15 -8.86
CA SER B 158 13.33 -37.02 -8.24
C SER B 158 14.31 -37.98 -8.92
N GLY B 159 15.58 -37.62 -9.00
CA GLY B 159 16.50 -38.37 -9.84
C GLY B 159 16.53 -39.86 -9.52
N THR B 160 17.32 -40.63 -10.28
CA THR B 160 17.90 -41.85 -9.76
C THR B 160 18.56 -41.56 -8.43
N VAL B 161 19.44 -40.54 -8.46
CA VAL B 161 20.27 -40.16 -7.34
C VAL B 161 19.39 -39.36 -6.39
N VAL B 162 19.38 -39.74 -5.09
CA VAL B 162 18.48 -39.16 -4.09
C VAL B 162 19.27 -38.96 -2.80
N THR B 163 19.24 -37.75 -2.28
CA THR B 163 19.93 -37.51 -1.01
C THR B 163 18.86 -37.35 0.05
N ILE B 164 19.04 -38.04 1.20
CA ILE B 164 18.16 -37.90 2.36
C ILE B 164 19.02 -37.45 3.54
N THR B 165 18.58 -36.37 4.19
CA THR B 165 19.15 -35.82 5.40
C THR B 165 18.28 -36.30 6.57
N ILE B 166 18.92 -36.96 7.55
CA ILE B 166 18.22 -37.65 8.62
C ILE B 166 18.80 -37.21 9.96
N MET B 167 18.00 -37.40 11.01
CA MET B 167 18.36 -37.04 12.37
C MET B 167 17.82 -38.13 13.28
N PRO B 168 18.57 -38.56 14.31
CA PRO B 168 18.09 -39.59 15.22
C PRO B 168 16.79 -39.12 15.86
N ALA B 169 15.82 -40.03 15.93
CA ALA B 169 14.45 -39.73 16.30
C ALA B 169 14.36 -39.03 17.63
N PHE B 170 15.13 -39.54 18.61
N PHE B 170 15.06 -39.55 18.66
CA PHE B 170 15.02 -39.06 19.97
CA PHE B 170 14.97 -39.02 20.01
C PHE B 170 15.33 -37.58 19.98
C PHE B 170 15.30 -37.53 19.97
N ILE B 171 16.28 -37.17 19.14
CA ILE B 171 16.68 -35.77 19.05
C ILE B 171 15.61 -34.97 18.32
N PHE B 172 15.13 -35.48 17.18
CA PHE B 172 14.07 -34.84 16.45
C PHE B 172 12.85 -34.55 17.35
N GLU B 173 12.40 -35.55 18.11
CA GLU B 173 11.26 -35.34 19.00
C GLU B 173 11.54 -34.25 20.04
N HIS B 174 12.82 -34.05 20.41
CA HIS B 174 13.19 -33.02 21.37
C HIS B 174 13.20 -31.64 20.72
N ILE B 175 13.67 -31.53 19.47
CA ILE B 175 13.78 -30.24 18.80
C ILE B 175 12.40 -29.65 18.51
N ILE B 176 11.36 -30.48 18.37
CA ILE B 176 10.06 -29.98 17.96
C ILE B 176 9.16 -29.69 19.17
N LYS B 177 9.56 -30.11 20.39
CA LYS B 177 8.80 -29.75 21.60
C LYS B 177 8.76 -28.22 21.79
N ARG B 178 7.77 -27.75 22.56
CA ARG B 178 7.56 -26.32 22.80
C ARG B 178 7.21 -25.63 21.47
N MET B 179 6.46 -26.34 20.61
CA MET B 179 5.95 -25.76 19.38
C MET B 179 4.77 -26.62 18.93
N ALA B 180 3.63 -25.96 18.64
CA ALA B 180 2.36 -26.63 18.38
C ALA B 180 2.36 -27.30 17.01
N PRO B 181 2.09 -28.62 16.94
CA PRO B 181 2.15 -29.35 15.66
C PRO B 181 1.55 -28.72 14.39
N SER B 182 0.84 -27.59 14.52
CA SER B 182 0.08 -27.04 13.41
C SER B 182 0.74 -25.76 12.89
N ILE B 183 1.42 -25.04 13.78
CA ILE B 183 2.44 -24.09 13.39
C ILE B 183 3.43 -24.83 12.45
N MET B 184 4.03 -25.92 12.96
CA MET B 184 5.09 -26.65 12.29
C MET B 184 4.56 -27.23 10.98
N LYS B 185 3.28 -27.56 10.93
CA LYS B 185 2.73 -28.17 9.73
C LYS B 185 2.54 -27.13 8.64
N SER B 186 2.19 -25.91 9.05
CA SER B 186 1.65 -24.91 8.16
C SER B 186 2.72 -23.88 7.80
N LEU B 187 3.61 -23.58 8.75
CA LEU B 187 4.55 -22.50 8.57
C LEU B 187 5.91 -22.99 8.06
N MET B 188 6.21 -24.29 8.17
CA MET B 188 7.59 -24.74 7.96
C MET B 188 7.93 -24.57 6.49
N ASP B 189 9.11 -24.02 6.23
CA ASP B 189 9.64 -23.78 4.90
C ASP B 189 9.83 -25.10 4.14
N HIS B 190 9.36 -25.21 2.89
CA HIS B 190 9.66 -26.38 2.08
C HIS B 190 10.16 -26.02 0.68
N THR B 191 10.69 -24.80 0.56
CA THR B 191 11.30 -24.24 -0.63
C THR B 191 12.37 -25.15 -1.21
N ILE B 192 12.43 -25.20 -2.55
CA ILE B 192 13.50 -25.92 -3.19
C ILE B 192 14.73 -25.01 -3.12
N PRO B 193 15.90 -25.58 -2.78
CA PRO B 193 17.16 -24.84 -2.78
C PRO B 193 17.45 -24.18 -4.14
N GLU B 194 17.75 -22.88 -4.05
CA GLU B 194 18.00 -21.96 -5.15
C GLU B 194 19.51 -21.81 -5.31
N VAL B 195 19.93 -21.25 -6.46
CA VAL B 195 21.31 -20.82 -6.66
C VAL B 195 21.35 -19.39 -7.24
N ALA C 3 0.84 31.95 0.10
CA ALA C 3 0.72 30.49 -0.22
C ALA C 3 1.70 29.64 0.60
N GLU C 4 2.90 30.18 0.91
CA GLU C 4 3.94 29.46 1.66
C GLU C 4 3.65 29.55 3.16
N ILE C 5 3.77 28.43 3.88
CA ILE C 5 3.38 28.36 5.29
C ILE C 5 4.52 28.95 6.13
N LYS C 6 4.21 29.96 6.97
CA LYS C 6 5.13 30.59 7.92
C LYS C 6 5.22 29.73 9.19
N GLN C 7 6.25 29.95 10.02
CA GLN C 7 6.41 29.26 11.30
C GLN C 7 6.28 30.25 12.47
N GLY C 8 5.20 31.05 12.44
CA GLY C 8 4.90 31.95 13.53
C GLY C 8 3.45 32.40 13.54
N ILE C 9 3.22 33.36 14.45
CA ILE C 9 1.93 33.73 15.00
C ILE C 9 1.67 35.23 14.77
N ARG C 10 0.71 35.55 13.90
CA ARG C 10 0.38 36.95 13.62
C ARG C 10 -0.99 37.30 14.24
N GLU C 11 -1.26 38.61 14.40
CA GLU C 11 -2.51 39.09 14.97
C GLU C 11 -3.35 39.73 13.86
N VAL C 12 -4.67 39.50 13.85
CA VAL C 12 -5.50 40.18 12.86
C VAL C 12 -6.61 40.97 13.54
N ILE C 13 -6.80 42.18 13.02
CA ILE C 13 -7.82 43.12 13.43
C ILE C 13 -8.98 43.00 12.45
N LEU C 14 -10.17 42.73 12.98
CA LEU C 14 -11.38 42.49 12.20
C LEU C 14 -12.47 43.45 12.66
N CYS C 15 -13.40 43.78 11.76
CA CYS C 15 -14.64 44.47 12.12
C CYS C 15 -15.79 43.69 11.48
N LYS C 16 -16.92 43.56 12.20
CA LYS C 16 -18.11 42.96 11.62
C LYS C 16 -18.64 43.81 10.47
N ASP C 17 -19.42 43.21 9.57
CA ASP C 17 -19.92 43.99 8.46
C ASP C 17 -21.18 44.71 8.89
N GLN C 18 -22.04 45.02 7.91
CA GLN C 18 -23.28 45.70 8.16
C GLN C 18 -24.27 44.66 8.71
N ASP C 19 -24.22 43.44 8.14
CA ASP C 19 -25.03 42.34 8.62
C ASP C 19 -24.49 41.74 9.93
N GLY C 20 -23.35 42.24 10.48
CA GLY C 20 -22.83 41.83 11.78
C GLY C 20 -22.13 40.46 11.76
N LYS C 21 -21.61 40.09 10.59
CA LYS C 21 -20.87 38.86 10.39
C LYS C 21 -19.42 39.21 10.09
N ILE C 22 -18.52 38.22 10.19
CA ILE C 22 -17.15 38.33 9.69
C ILE C 22 -16.88 37.27 8.64
N GLY C 23 -17.71 36.23 8.57
CA GLY C 23 -17.67 35.34 7.42
C GLY C 23 -16.75 34.14 7.67
N LEU C 24 -16.95 33.53 8.85
CA LEU C 24 -16.10 32.51 9.42
C LEU C 24 -16.93 31.33 9.90
N ARG C 25 -16.31 30.15 9.90
CA ARG C 25 -16.78 29.01 10.64
C ARG C 25 -15.56 28.38 11.33
N LEU C 26 -15.72 27.95 12.59
CA LEU C 26 -14.61 27.47 13.39
C LEU C 26 -14.91 26.09 13.90
N LYS C 27 -13.88 25.22 13.96
CA LYS C 27 -14.04 23.84 14.39
C LYS C 27 -13.03 23.52 15.48
N SER C 28 -13.51 22.80 16.49
CA SER C 28 -12.65 22.26 17.52
C SER C 28 -11.93 21.05 16.96
N ILE C 29 -10.59 21.08 17.04
CA ILE C 29 -9.75 19.96 16.68
C ILE C 29 -8.65 19.78 17.73
N ASP C 30 -8.59 18.63 18.44
CA ASP C 30 -7.47 18.28 19.30
C ASP C 30 -7.29 19.36 20.38
N ASN C 31 -8.40 19.96 20.85
CA ASN C 31 -8.43 21.02 21.86
C ASN C 31 -7.82 22.34 21.40
N GLY C 32 -7.79 22.55 20.07
CA GLY C 32 -7.58 23.85 19.47
C GLY C 32 -8.81 24.28 18.67
N ILE C 33 -8.69 25.42 17.97
CA ILE C 33 -9.81 25.91 17.20
C ILE C 33 -9.29 26.31 15.84
N PHE C 34 -9.89 25.77 14.78
CA PHE C 34 -9.39 26.06 13.44
C PHE C 34 -10.53 26.56 12.55
N VAL C 35 -10.14 27.19 11.44
CA VAL C 35 -11.06 27.78 10.47
C VAL C 35 -11.49 26.67 9.53
N GLN C 36 -12.80 26.32 9.47
CA GLN C 36 -13.29 25.36 8.49
C GLN C 36 -13.96 26.06 7.32
N LEU C 37 -14.14 27.38 7.41
CA LEU C 37 -14.70 28.11 6.29
C LEU C 37 -14.50 29.60 6.50
N VAL C 38 -13.94 30.24 5.48
CA VAL C 38 -13.94 31.68 5.27
C VAL C 38 -14.87 31.97 4.09
N GLN C 39 -15.77 32.97 4.21
CA GLN C 39 -16.65 33.30 3.09
C GLN C 39 -15.95 34.29 2.17
N ALA C 40 -16.27 34.23 0.88
CA ALA C 40 -15.72 35.21 -0.06
C ALA C 40 -16.29 36.59 0.25
N ASN C 41 -15.47 37.62 0.01
N ASN C 41 -15.50 37.62 -0.12
CA ASN C 41 -15.92 39.01 0.10
CA ASN C 41 -15.78 39.03 0.14
C ASN C 41 -16.40 39.31 1.51
C ASN C 41 -16.45 39.18 1.49
N SER C 42 -15.72 38.74 2.52
CA SER C 42 -16.12 38.90 3.90
C SER C 42 -14.96 39.53 4.63
N PRO C 43 -15.19 40.15 5.80
CA PRO C 43 -14.10 40.70 6.60
C PRO C 43 -13.00 39.69 6.89
N ALA C 44 -13.40 38.41 7.02
CA ALA C 44 -12.46 37.32 7.23
C ALA C 44 -11.50 37.18 6.05
N SER C 45 -12.04 37.13 4.83
CA SER C 45 -11.21 36.95 3.65
C SER C 45 -10.32 38.17 3.49
N LEU C 46 -10.98 39.34 3.40
CA LEU C 46 -10.30 40.61 3.25
C LEU C 46 -9.06 40.65 4.12
N VAL C 47 -9.16 40.24 5.39
CA VAL C 47 -8.08 40.46 6.34
C VAL C 47 -7.02 39.37 6.19
N GLY C 48 -7.36 38.27 5.48
CA GLY C 48 -6.41 37.24 5.06
C GLY C 48 -6.50 35.88 5.80
N LEU C 49 -7.57 35.61 6.56
CA LEU C 49 -7.69 34.28 7.17
C LEU C 49 -7.93 33.24 6.10
N ARG C 50 -7.46 32.01 6.36
CA ARG C 50 -7.63 30.94 5.40
C ARG C 50 -8.17 29.72 6.11
N PHE C 51 -8.88 28.92 5.33
CA PHE C 51 -9.16 27.56 5.75
C PHE C 51 -7.93 26.98 6.42
N GLY C 52 -8.08 26.45 7.62
CA GLY C 52 -7.00 25.70 8.21
C GLY C 52 -6.18 26.53 9.20
N ASP C 53 -6.45 27.83 9.27
CA ASP C 53 -5.77 28.64 10.26
C ASP C 53 -6.22 28.20 11.66
N GLN C 54 -5.27 28.21 12.60
CA GLN C 54 -5.53 28.01 14.00
C GLN C 54 -5.74 29.37 14.67
N VAL C 55 -6.80 29.42 15.51
CA VAL C 55 -7.11 30.60 16.29
C VAL C 55 -6.73 30.30 17.74
N LEU C 56 -5.66 30.96 18.21
CA LEU C 56 -5.12 30.79 19.55
C LEU C 56 -5.80 31.68 20.58
N GLN C 57 -5.95 32.99 20.28
CA GLN C 57 -6.72 33.90 21.13
C GLN C 57 -7.80 34.66 20.36
N ILE C 58 -8.94 34.90 21.02
CA ILE C 58 -9.94 35.83 20.51
C ILE C 58 -10.11 36.93 21.55
N ASN C 59 -9.91 38.18 21.12
CA ASN C 59 -9.94 39.33 22.01
C ASN C 59 -9.10 39.06 23.26
N GLY C 60 -8.01 38.32 23.08
CA GLY C 60 -6.97 38.23 24.09
C GLY C 60 -7.21 37.11 25.10
N GLU C 61 -8.31 36.37 24.93
CA GLU C 61 -8.64 35.17 25.69
C GLU C 61 -8.13 33.95 24.92
N ASN C 62 -7.77 32.87 25.64
CA ASN C 62 -7.26 31.67 24.97
C ASN C 62 -8.40 30.78 24.48
N CYS C 63 -8.30 30.30 23.22
CA CYS C 63 -9.32 29.45 22.63
C CYS C 63 -9.20 28.00 23.08
N ALA C 64 -8.07 27.61 23.69
CA ALA C 64 -7.83 26.21 23.96
C ALA C 64 -8.99 25.54 24.74
N GLY C 65 -9.33 24.33 24.29
CA GLY C 65 -10.40 23.55 24.89
C GLY C 65 -11.83 23.98 24.51
N TRP C 66 -11.98 25.09 23.77
CA TRP C 66 -13.28 25.57 23.39
C TRP C 66 -13.94 24.59 22.45
N SER C 67 -15.23 24.33 22.64
CA SER C 67 -16.04 23.73 21.60
C SER C 67 -16.19 24.72 20.44
N SER C 68 -16.61 24.16 19.31
CA SER C 68 -16.95 24.99 18.18
C SER C 68 -18.05 25.97 18.57
N ASP C 69 -19.12 25.44 19.20
CA ASP C 69 -20.29 26.20 19.67
C ASP C 69 -19.82 27.40 20.50
N LYS C 70 -18.83 27.21 21.37
CA LYS C 70 -18.43 28.28 22.26
C LYS C 70 -17.66 29.32 21.43
N ALA C 71 -16.88 28.84 20.45
CA ALA C 71 -16.10 29.77 19.65
C ALA C 71 -17.05 30.69 18.90
N HIS C 72 -18.12 30.11 18.37
CA HIS C 72 -19.10 30.89 17.63
C HIS C 72 -19.73 31.87 18.62
N LYS C 73 -20.37 31.35 19.67
CA LYS C 73 -21.03 32.21 20.64
C LYS C 73 -20.15 33.41 21.04
N VAL C 74 -18.84 33.23 21.26
CA VAL C 74 -18.00 34.37 21.67
C VAL C 74 -18.02 35.42 20.56
N LEU C 75 -17.70 34.96 19.38
CA LEU C 75 -17.67 35.86 18.25
C LEU C 75 -19.03 36.56 18.10
N LYS C 76 -20.13 35.80 18.12
CA LYS C 76 -21.44 36.42 17.99
C LYS C 76 -21.59 37.54 19.03
N GLN C 77 -21.14 37.30 20.28
CA GLN C 77 -21.42 38.23 21.37
C GLN C 77 -20.51 39.46 21.33
N ALA C 78 -19.42 39.38 20.56
CA ALA C 78 -18.39 40.41 20.54
C ALA C 78 -18.90 41.63 19.80
N PHE C 79 -18.99 42.76 20.53
CA PHE C 79 -19.62 43.94 19.95
C PHE C 79 -18.82 45.19 20.27
N GLY C 80 -17.54 45.05 20.66
CA GLY C 80 -16.66 46.21 20.82
C GLY C 80 -16.47 46.94 19.50
N GLU C 81 -15.29 47.57 19.30
CA GLU C 81 -15.01 48.29 18.07
C GLU C 81 -14.38 47.33 17.05
N LYS C 82 -13.35 46.60 17.48
CA LYS C 82 -12.68 45.63 16.63
C LYS C 82 -12.71 44.26 17.31
N ILE C 83 -12.50 43.22 16.51
CA ILE C 83 -12.21 41.87 16.99
C ILE C 83 -10.75 41.56 16.70
N THR C 84 -9.97 41.23 17.73
CA THR C 84 -8.62 40.74 17.51
C THR C 84 -8.61 39.22 17.61
N MET C 85 -7.81 38.61 16.74
CA MET C 85 -7.60 37.18 16.65
C MET C 85 -6.10 36.92 16.52
N THR C 86 -5.60 36.01 17.35
CA THR C 86 -4.22 35.58 17.20
C THR C 86 -4.20 34.22 16.50
N ILE C 87 -3.46 34.19 15.38
CA ILE C 87 -3.61 33.19 14.34
C ILE C 87 -2.26 32.52 14.12
N ARG C 88 -2.23 31.18 14.05
CA ARG C 88 -1.06 30.44 13.58
C ARG C 88 -1.38 29.88 12.19
N ASP C 89 -0.47 30.14 11.23
CA ASP C 89 -0.65 29.83 9.82
C ASP C 89 -0.79 28.34 9.57
N ARG C 90 -1.83 27.96 8.83
CA ARG C 90 -2.25 26.61 8.49
C ARG C 90 -1.39 25.46 9.04
N PRO C 91 -1.39 25.15 10.35
CA PRO C 91 -0.44 24.21 10.95
C PRO C 91 -0.54 22.77 10.47
N PHE C 92 -1.72 22.37 10.04
CA PHE C 92 -1.83 21.00 9.55
C PHE C 92 -1.38 20.90 8.10
N GLU C 93 -0.98 22.02 7.46
CA GLU C 93 -0.78 22.00 6.02
C GLU C 93 0.67 22.20 5.63
N ARG C 94 1.00 21.77 4.40
N ARG C 94 1.03 21.76 4.42
CA ARG C 94 2.32 21.91 3.81
CA ARG C 94 2.36 22.01 3.86
C ARG C 94 2.21 22.27 2.32
C ARG C 94 2.28 22.18 2.34
N THR C 95 3.24 22.91 1.78
CA THR C 95 3.24 23.17 0.34
C THR C 95 4.37 22.40 -0.32
N ILE C 96 4.15 22.09 -1.59
CA ILE C 96 5.06 21.30 -2.39
C ILE C 96 5.12 21.97 -3.75
N THR C 97 6.33 22.27 -4.23
CA THR C 97 6.45 22.82 -5.59
C THR C 97 6.95 21.77 -6.58
N MET C 98 6.24 21.70 -7.71
CA MET C 98 6.45 20.74 -8.78
C MET C 98 6.50 21.48 -10.12
N HIS C 99 7.13 20.82 -11.11
CA HIS C 99 7.24 21.34 -12.47
C HIS C 99 6.52 20.37 -13.41
N LYS C 100 5.79 20.91 -14.38
CA LYS C 100 5.11 20.07 -15.36
C LYS C 100 6.15 19.45 -16.30
N ASP C 101 5.86 18.23 -16.76
CA ASP C 101 6.66 17.58 -17.80
C ASP C 101 6.45 18.29 -19.15
N SER C 102 7.17 17.83 -20.18
CA SER C 102 7.01 18.44 -21.48
C SER C 102 5.53 18.47 -21.88
N THR C 103 4.80 17.40 -21.58
CA THR C 103 3.42 17.25 -22.00
C THR C 103 2.46 17.75 -20.93
N GLY C 104 2.93 18.64 -20.02
CA GLY C 104 2.05 19.50 -19.23
C GLY C 104 1.45 18.85 -17.98
N HIS C 105 2.02 17.71 -17.54
CA HIS C 105 1.51 16.94 -16.42
C HIS C 105 2.41 17.15 -15.19
N VAL C 106 1.77 17.20 -14.00
CA VAL C 106 2.45 17.41 -12.72
C VAL C 106 3.06 16.09 -12.23
N GLY C 107 2.23 15.04 -12.33
CA GLY C 107 2.61 13.66 -12.12
C GLY C 107 1.80 13.01 -10.99
N PHE C 108 0.49 13.27 -10.96
CA PHE C 108 -0.32 12.70 -9.91
C PHE C 108 -1.78 12.58 -10.35
N ILE C 109 -2.53 11.77 -9.60
CA ILE C 109 -3.97 11.55 -9.77
C ILE C 109 -4.71 11.86 -8.47
N PHE C 110 -5.95 12.37 -8.62
CA PHE C 110 -6.76 12.76 -7.49
C PHE C 110 -8.24 12.44 -7.73
N LYS C 111 -9.04 12.56 -6.67
CA LYS C 111 -10.44 12.17 -6.69
C LYS C 111 -11.13 12.73 -5.46
N ASN C 112 -12.20 13.52 -5.65
CA ASN C 112 -12.72 14.38 -4.61
C ASN C 112 -11.57 15.14 -3.94
N GLY C 113 -10.60 15.62 -4.73
CA GLY C 113 -9.54 16.49 -4.23
C GLY C 113 -8.52 15.78 -3.34
N LYS C 114 -8.65 14.46 -3.20
CA LYS C 114 -7.71 13.65 -2.44
C LYS C 114 -6.76 12.99 -3.42
N ILE C 115 -5.47 13.32 -3.31
CA ILE C 115 -4.44 12.71 -4.12
C ILE C 115 -4.48 11.20 -3.90
N THR C 116 -4.54 10.42 -4.99
CA THR C 116 -4.74 8.99 -4.82
C THR C 116 -3.63 8.16 -5.43
N SER C 117 -2.70 8.79 -6.16
CA SER C 117 -1.75 8.00 -6.92
C SER C 117 -0.62 8.90 -7.42
N ILE C 118 0.64 8.50 -7.26
CA ILE C 118 1.76 9.28 -7.77
C ILE C 118 2.41 8.54 -8.92
N VAL C 119 2.80 9.31 -9.94
CA VAL C 119 3.42 8.78 -11.13
C VAL C 119 4.94 8.70 -10.92
N LYS C 120 5.53 7.53 -11.20
CA LYS C 120 6.97 7.36 -11.13
C LYS C 120 7.62 8.25 -12.20
N ASP C 121 8.77 8.83 -11.83
CA ASP C 121 9.48 9.82 -12.64
C ASP C 121 8.51 10.95 -13.00
N SER C 122 7.98 11.59 -11.97
CA SER C 122 7.35 12.88 -12.11
C SER C 122 8.01 13.87 -11.13
N SER C 123 7.66 15.16 -11.29
CA SER C 123 8.11 16.15 -10.32
C SER C 123 7.49 15.87 -8.95
N ALA C 124 6.18 15.64 -8.95
CA ALA C 124 5.46 15.07 -7.82
C ALA C 124 6.29 14.01 -7.10
N ALA C 125 6.81 13.03 -7.84
CA ALA C 125 7.59 12.00 -7.21
C ALA C 125 8.90 12.58 -6.65
N ARG C 126 9.65 13.36 -7.46
CA ARG C 126 10.95 13.89 -7.05
C ARG C 126 10.85 14.77 -5.82
N ASN C 127 9.69 15.42 -5.65
CA ASN C 127 9.41 16.37 -4.58
C ASN C 127 8.57 15.70 -3.48
N GLY C 128 8.15 14.44 -3.72
CA GLY C 128 7.68 13.61 -2.62
C GLY C 128 6.30 14.00 -2.13
N LEU C 129 5.44 14.36 -3.08
CA LEU C 129 4.01 14.39 -2.86
C LEU C 129 3.49 13.03 -2.39
N LEU C 130 2.42 13.05 -1.61
CA LEU C 130 1.93 11.89 -0.90
C LEU C 130 0.49 11.61 -1.29
N THR C 131 0.03 10.37 -1.06
CA THR C 131 -1.36 9.99 -1.25
C THR C 131 -2.04 10.15 0.10
N GLU C 132 -3.34 9.87 0.14
CA GLU C 132 -4.16 10.21 1.29
C GLU C 132 -3.97 11.66 1.73
N HIS C 133 -3.85 12.59 0.79
CA HIS C 133 -3.75 14.00 1.14
C HIS C 133 -4.77 14.80 0.33
N ASN C 134 -5.47 15.73 0.98
CA ASN C 134 -6.47 16.56 0.33
C ASN C 134 -5.81 17.85 -0.14
N ILE C 135 -6.05 18.24 -1.40
CA ILE C 135 -5.58 19.50 -1.94
C ILE C 135 -6.47 20.61 -1.39
N CYS C 136 -5.82 21.57 -0.70
CA CYS C 136 -6.45 22.68 -0.04
C CYS C 136 -6.28 23.95 -0.88
N GLU C 137 -5.12 24.03 -1.57
CA GLU C 137 -4.86 25.15 -2.45
C GLU C 137 -4.04 24.69 -3.63
N ILE C 138 -4.20 25.42 -4.75
CA ILE C 138 -3.26 25.46 -5.86
C ILE C 138 -2.82 26.90 -6.06
N ASN C 139 -1.50 27.10 -6.12
CA ASN C 139 -0.84 28.39 -6.01
C ASN C 139 -1.59 29.34 -5.07
N GLY C 140 -2.00 28.86 -3.90
CA GLY C 140 -2.55 29.74 -2.86
C GLY C 140 -4.02 30.09 -3.10
N GLN C 141 -4.59 29.55 -4.18
CA GLN C 141 -6.03 29.62 -4.36
C GLN C 141 -6.68 28.40 -3.69
N ASN C 142 -7.53 28.69 -2.69
CA ASN C 142 -8.39 27.70 -2.07
C ASN C 142 -9.24 27.01 -3.13
N VAL C 143 -9.27 25.66 -3.12
CA VAL C 143 -10.10 24.89 -4.04
C VAL C 143 -11.03 23.92 -3.30
N ILE C 144 -11.32 24.22 -2.04
CA ILE C 144 -12.13 23.34 -1.22
C ILE C 144 -13.59 23.61 -1.53
N GLY C 145 -14.29 22.60 -2.06
CA GLY C 145 -15.60 22.77 -2.67
C GLY C 145 -15.58 22.47 -4.17
N LEU C 146 -14.62 23.03 -4.89
CA LEU C 146 -14.57 22.93 -6.35
C LEU C 146 -14.65 21.48 -6.81
N LYS C 147 -15.23 21.25 -7.98
CA LYS C 147 -15.29 19.91 -8.54
C LYS C 147 -13.88 19.52 -8.94
N ASP C 148 -13.68 18.19 -9.09
CA ASP C 148 -12.43 17.70 -9.59
C ASP C 148 -12.15 18.40 -10.91
N SER C 149 -13.21 18.51 -11.72
CA SER C 149 -13.08 19.09 -13.04
C SER C 149 -12.50 20.51 -12.92
N GLN C 150 -12.90 21.29 -11.92
CA GLN C 150 -12.42 22.67 -11.86
C GLN C 150 -10.99 22.71 -11.30
N ILE C 151 -10.70 21.72 -10.44
CA ILE C 151 -9.38 21.63 -9.84
C ILE C 151 -8.40 21.33 -10.95
N ALA C 152 -8.70 20.28 -11.75
CA ALA C 152 -7.84 19.91 -12.86
C ALA C 152 -7.70 21.06 -13.85
N ASP C 153 -8.80 21.81 -14.01
CA ASP C 153 -8.86 22.91 -14.95
C ASP C 153 -7.86 23.96 -14.50
N ILE C 154 -7.88 24.30 -13.19
CA ILE C 154 -6.97 25.27 -12.60
C ILE C 154 -5.53 24.80 -12.79
N LEU C 155 -5.35 23.47 -12.67
CA LEU C 155 -4.03 22.85 -12.79
C LEU C 155 -3.44 23.05 -14.18
N SER C 156 -4.23 22.93 -15.26
CA SER C 156 -3.65 23.06 -16.59
C SER C 156 -3.42 24.53 -16.91
N THR C 157 -4.28 25.41 -16.37
CA THR C 157 -4.15 26.84 -16.57
C THR C 157 -3.07 27.48 -15.68
N SER C 158 -2.51 26.76 -14.70
CA SER C 158 -1.30 27.27 -14.07
C SER C 158 -0.12 27.15 -15.04
N GLY C 159 1.01 27.73 -14.65
CA GLY C 159 2.20 27.71 -15.47
C GLY C 159 2.91 26.37 -15.32
N THR C 160 4.19 26.33 -15.69
CA THR C 160 4.92 25.07 -15.62
C THR C 160 5.13 24.72 -14.16
N VAL C 161 5.23 25.76 -13.30
CA VAL C 161 5.52 25.63 -11.88
C VAL C 161 4.22 25.73 -11.08
N VAL C 162 3.90 24.66 -10.36
CA VAL C 162 2.66 24.56 -9.62
C VAL C 162 2.99 24.30 -8.16
N THR C 163 2.48 25.11 -7.24
CA THR C 163 2.60 24.83 -5.83
C THR C 163 1.28 24.27 -5.29
N ILE C 164 1.32 23.10 -4.67
CA ILE C 164 0.12 22.52 -4.09
C ILE C 164 0.22 22.63 -2.57
N THR C 165 -0.88 23.01 -1.91
CA THR C 165 -0.92 23.01 -0.46
C THR C 165 -1.75 21.81 -0.08
N ILE C 166 -1.18 20.94 0.77
CA ILE C 166 -1.84 19.70 1.13
C ILE C 166 -1.96 19.54 2.64
N MET C 167 -2.98 18.74 3.01
CA MET C 167 -3.30 18.34 4.35
C MET C 167 -3.57 16.83 4.41
N PRO C 168 -3.07 16.09 5.43
CA PRO C 168 -3.46 14.69 5.59
C PRO C 168 -4.97 14.55 5.52
N ALA C 169 -5.42 13.58 4.70
CA ALA C 169 -6.82 13.31 4.47
C ALA C 169 -7.61 13.19 5.75
N PHE C 170 -7.06 12.53 6.77
N PHE C 170 -7.08 12.51 6.78
CA PHE C 170 -7.83 12.23 7.97
CA PHE C 170 -7.84 12.24 8.00
C PHE C 170 -8.05 13.50 8.79
C PHE C 170 -8.09 13.53 8.77
N ILE C 171 -7.19 14.51 8.63
CA ILE C 171 -7.33 15.77 9.34
C ILE C 171 -8.31 16.66 8.58
N PHE C 172 -8.20 16.62 7.25
CA PHE C 172 -9.14 17.32 6.41
C PHE C 172 -10.58 16.91 6.73
N GLU C 173 -10.82 15.60 6.86
CA GLU C 173 -12.17 15.08 7.07
C GLU C 173 -12.72 15.55 8.41
N HIS C 174 -11.85 15.55 9.41
CA HIS C 174 -12.23 16.03 10.72
C HIS C 174 -12.56 17.51 10.68
N ILE C 175 -11.78 18.29 9.91
CA ILE C 175 -12.02 19.73 9.88
C ILE C 175 -13.42 20.06 9.34
N ILE C 176 -13.94 19.30 8.36
CA ILE C 176 -15.12 19.70 7.62
C ILE C 176 -16.41 19.01 8.12
N LYS C 177 -16.32 18.22 9.21
CA LYS C 177 -17.44 17.91 10.09
C LYS C 177 -18.20 19.19 10.45
N ARG C 178 -19.52 19.08 10.68
CA ARG C 178 -20.41 20.16 11.12
C ARG C 178 -20.63 21.16 9.99
N MET C 179 -20.54 20.65 8.78
CA MET C 179 -20.58 21.47 7.59
C MET C 179 -20.94 20.55 6.43
N ALA C 180 -22.00 20.94 5.70
CA ALA C 180 -22.56 20.12 4.63
C ALA C 180 -21.87 20.50 3.33
N PRO C 181 -21.57 19.52 2.45
CA PRO C 181 -20.94 19.82 1.15
C PRO C 181 -21.52 21.04 0.43
N SER C 182 -22.83 21.02 0.19
CA SER C 182 -23.55 22.11 -0.47
C SER C 182 -23.09 23.49 -0.01
N ILE C 183 -22.90 23.67 1.31
CA ILE C 183 -22.66 24.99 1.91
C ILE C 183 -21.22 25.40 1.68
N MET C 184 -20.33 24.43 1.93
CA MET C 184 -18.90 24.63 1.79
C MET C 184 -18.62 25.00 0.33
N LYS C 185 -19.29 24.28 -0.58
CA LYS C 185 -19.15 24.53 -2.02
C LYS C 185 -19.53 25.97 -2.41
N SER C 186 -20.64 26.50 -1.89
CA SER C 186 -21.15 27.79 -2.33
C SER C 186 -20.66 28.97 -1.49
N LEU C 187 -20.09 28.74 -0.30
CA LEU C 187 -19.68 29.87 0.52
C LEU C 187 -18.17 30.11 0.48
N MET C 188 -17.38 29.06 0.25
CA MET C 188 -15.94 29.06 0.49
C MET C 188 -15.21 30.03 -0.45
N ASP C 189 -14.57 31.02 0.15
CA ASP C 189 -13.62 31.89 -0.51
C ASP C 189 -12.76 31.03 -1.45
N HIS C 190 -12.78 31.39 -2.73
CA HIS C 190 -11.95 30.77 -3.75
C HIS C 190 -11.21 31.87 -4.49
N THR C 191 -11.16 33.06 -3.89
CA THR C 191 -10.73 34.22 -4.63
C THR C 191 -9.22 34.20 -4.71
N ILE C 192 -8.71 34.78 -5.80
CA ILE C 192 -7.31 35.09 -5.98
C ILE C 192 -7.15 36.51 -5.52
N PRO C 193 -6.26 36.80 -4.56
CA PRO C 193 -6.29 38.11 -3.89
C PRO C 193 -5.52 39.17 -4.68
N GLU C 194 -4.29 38.78 -5.06
CA GLU C 194 -3.33 39.60 -5.77
C GLU C 194 -2.72 38.72 -6.87
N VAL C 195 -2.14 39.37 -7.86
CA VAL C 195 -1.61 38.67 -9.00
C VAL C 195 -0.32 39.37 -9.44
N ILE D 5 -19.54 -1.28 -35.88
CA ILE D 5 -20.58 -2.26 -36.34
C ILE D 5 -20.66 -2.16 -37.87
N LYS D 6 -19.84 -2.95 -38.57
CA LYS D 6 -19.96 -3.13 -40.01
C LYS D 6 -21.37 -3.64 -40.34
N GLN D 7 -21.92 -3.23 -41.49
CA GLN D 7 -23.27 -3.63 -41.90
C GLN D 7 -23.16 -4.42 -43.20
N GLY D 8 -24.31 -4.80 -43.78
CA GLY D 8 -24.32 -5.93 -44.69
C GLY D 8 -23.73 -7.18 -44.02
N ILE D 9 -23.48 -8.17 -44.86
CA ILE D 9 -23.31 -9.56 -44.45
C ILE D 9 -21.88 -9.99 -44.79
N ARG D 10 -21.31 -11.01 -44.13
CA ARG D 10 -20.02 -11.54 -44.56
C ARG D 10 -19.86 -13.05 -44.27
N GLU D 11 -19.19 -13.73 -45.21
CA GLU D 11 -18.82 -15.13 -45.08
C GLU D 11 -17.64 -15.23 -44.13
N VAL D 12 -17.51 -16.36 -43.44
CA VAL D 12 -16.28 -16.75 -42.75
C VAL D 12 -16.08 -18.25 -42.94
N ILE D 13 -14.81 -18.69 -42.89
CA ILE D 13 -14.39 -20.05 -43.19
C ILE D 13 -13.50 -20.48 -42.04
N LEU D 14 -13.70 -21.71 -41.58
CA LEU D 14 -13.39 -22.06 -40.20
C LEU D 14 -12.98 -23.53 -40.14
N CYS D 15 -12.01 -23.87 -39.27
CA CYS D 15 -11.56 -25.25 -39.14
C CYS D 15 -11.63 -25.72 -37.70
N LYS D 16 -12.41 -26.79 -37.49
CA LYS D 16 -12.51 -27.43 -36.19
C LYS D 16 -11.10 -27.64 -35.67
N ASP D 17 -10.88 -27.51 -34.38
CA ASP D 17 -9.53 -27.78 -33.85
C ASP D 17 -9.33 -29.28 -33.74
N GLN D 18 -8.29 -29.67 -33.01
CA GLN D 18 -7.93 -31.07 -32.76
C GLN D 18 -9.06 -31.87 -32.12
N ASP D 19 -9.76 -31.26 -31.15
CA ASP D 19 -10.79 -31.93 -30.36
C ASP D 19 -12.15 -31.81 -31.04
N GLY D 20 -12.18 -31.26 -32.26
CA GLY D 20 -13.40 -31.20 -33.06
C GLY D 20 -14.28 -29.98 -32.74
N LYS D 21 -13.68 -29.00 -32.02
CA LYS D 21 -14.42 -27.84 -31.54
C LYS D 21 -14.12 -26.62 -32.42
N ILE D 22 -15.08 -25.70 -32.52
CA ILE D 22 -14.83 -24.38 -33.08
C ILE D 22 -14.89 -23.28 -32.02
N GLY D 23 -15.27 -23.58 -30.78
CA GLY D 23 -15.33 -22.58 -29.72
C GLY D 23 -16.47 -21.56 -29.91
N LEU D 24 -17.71 -22.03 -30.01
CA LEU D 24 -18.92 -21.22 -30.03
C LEU D 24 -19.98 -21.76 -29.06
N ARG D 25 -20.85 -20.85 -28.62
CA ARG D 25 -22.22 -21.23 -28.31
C ARG D 25 -23.20 -20.33 -29.05
N LEU D 26 -24.34 -20.92 -29.35
CA LEU D 26 -25.39 -20.26 -30.10
C LEU D 26 -26.64 -20.24 -29.25
N LYS D 27 -27.55 -19.29 -29.59
CA LYS D 27 -28.81 -19.08 -28.89
C LYS D 27 -29.88 -18.61 -29.89
N SER D 28 -31.05 -19.25 -29.83
CA SER D 28 -32.17 -18.86 -30.68
C SER D 28 -32.75 -17.58 -30.13
N ILE D 29 -32.99 -16.60 -30.98
CA ILE D 29 -33.62 -15.36 -30.57
C ILE D 29 -34.43 -14.81 -31.73
N ASP D 30 -35.76 -14.68 -31.54
CA ASP D 30 -36.64 -14.12 -32.55
C ASP D 30 -36.53 -14.89 -33.86
N ASN D 31 -36.32 -16.22 -33.76
CA ASN D 31 -36.15 -17.12 -34.90
C ASN D 31 -34.89 -16.77 -35.67
N GLY D 32 -33.96 -16.06 -35.00
CA GLY D 32 -32.59 -15.92 -35.43
C GLY D 32 -31.72 -16.88 -34.66
N ILE D 33 -30.48 -17.08 -35.13
CA ILE D 33 -29.46 -17.72 -34.33
C ILE D 33 -28.35 -16.71 -34.16
N PHE D 34 -27.86 -16.61 -32.91
CA PHE D 34 -26.86 -15.64 -32.52
C PHE D 34 -25.81 -16.26 -31.61
N VAL D 35 -24.65 -15.61 -31.59
CA VAL D 35 -23.52 -16.05 -30.81
C VAL D 35 -23.64 -15.51 -29.39
N GLN D 36 -23.72 -16.45 -28.46
CA GLN D 36 -23.81 -16.28 -27.03
C GLN D 36 -22.42 -16.23 -26.42
N LEU D 37 -21.47 -16.91 -27.11
CA LEU D 37 -20.12 -17.03 -26.59
C LEU D 37 -19.10 -17.37 -27.67
N VAL D 38 -17.94 -16.72 -27.52
CA VAL D 38 -16.77 -17.01 -28.32
C VAL D 38 -15.65 -17.34 -27.35
N GLN D 39 -15.08 -18.55 -27.55
CA GLN D 39 -13.93 -19.08 -26.82
C GLN D 39 -12.65 -18.25 -27.11
N ALA D 40 -12.08 -17.67 -26.03
CA ALA D 40 -10.69 -17.22 -26.02
C ALA D 40 -9.78 -18.23 -26.72
N ASN D 41 -9.11 -17.81 -27.80
CA ASN D 41 -8.03 -18.60 -28.37
C ASN D 41 -8.67 -19.84 -28.97
N SER D 42 -9.40 -19.63 -30.08
CA SER D 42 -10.30 -20.63 -30.62
C SER D 42 -10.45 -20.40 -32.11
N PRO D 43 -10.82 -21.43 -32.88
CA PRO D 43 -11.07 -21.21 -34.30
C PRO D 43 -12.06 -20.07 -34.57
N ALA D 44 -13.02 -19.89 -33.68
CA ALA D 44 -14.04 -18.88 -33.87
C ALA D 44 -13.45 -17.49 -33.63
N SER D 45 -12.73 -17.30 -32.51
CA SER D 45 -12.04 -16.04 -32.24
C SER D 45 -11.15 -15.62 -33.42
N LEU D 46 -10.30 -16.54 -33.88
CA LEU D 46 -9.23 -16.29 -34.84
C LEU D 46 -9.79 -15.79 -36.17
N VAL D 47 -11.01 -16.17 -36.49
CA VAL D 47 -11.60 -15.70 -37.74
C VAL D 47 -12.52 -14.51 -37.46
N GLY D 48 -12.61 -14.12 -36.17
CA GLY D 48 -13.19 -12.85 -35.79
C GLY D 48 -14.70 -12.90 -35.61
N LEU D 49 -15.22 -14.06 -35.18
CA LEU D 49 -16.59 -14.14 -34.71
C LEU D 49 -16.62 -13.43 -33.37
N ARG D 50 -17.81 -12.92 -33.01
CA ARG D 50 -17.97 -12.18 -31.77
C ARG D 50 -19.36 -12.34 -31.17
N PHE D 51 -19.38 -12.15 -29.86
CA PHE D 51 -20.61 -12.15 -29.10
C PHE D 51 -21.64 -11.30 -29.81
N GLY D 52 -22.83 -11.83 -30.05
CA GLY D 52 -23.87 -11.01 -30.64
C GLY D 52 -23.92 -11.03 -32.17
N ASP D 53 -22.98 -11.70 -32.83
CA ASP D 53 -23.14 -11.83 -34.26
C ASP D 53 -24.33 -12.75 -34.51
N GLN D 54 -24.99 -12.57 -35.64
CA GLN D 54 -26.06 -13.41 -36.12
C GLN D 54 -25.48 -14.38 -37.14
N VAL D 55 -25.86 -15.66 -37.01
CA VAL D 55 -25.51 -16.66 -38.01
C VAL D 55 -26.69 -16.94 -38.94
N LEU D 56 -26.58 -16.45 -40.17
CA LEU D 56 -27.62 -16.64 -41.16
C LEU D 56 -27.56 -18.04 -41.77
N GLN D 57 -26.36 -18.48 -42.15
CA GLN D 57 -26.22 -19.81 -42.72
C GLN D 57 -25.07 -20.55 -42.07
N ILE D 58 -25.18 -21.88 -42.08
CA ILE D 58 -24.06 -22.77 -41.84
C ILE D 58 -23.98 -23.73 -43.02
N ASN D 59 -22.75 -23.81 -43.59
CA ASN D 59 -22.47 -24.49 -44.83
C ASN D 59 -23.66 -24.35 -45.74
N GLY D 60 -24.14 -23.12 -45.91
CA GLY D 60 -25.10 -22.81 -46.95
C GLY D 60 -26.54 -23.12 -46.60
N GLU D 61 -26.80 -23.57 -45.36
CA GLU D 61 -28.16 -23.79 -44.87
C GLU D 61 -28.60 -22.65 -43.94
N ASN D 62 -29.79 -22.11 -44.23
CA ASN D 62 -30.43 -21.08 -43.44
C ASN D 62 -30.74 -21.55 -42.03
N CYS D 63 -30.47 -20.69 -41.06
CA CYS D 63 -30.69 -21.05 -39.67
C CYS D 63 -32.04 -20.56 -39.17
N ALA D 64 -32.78 -19.88 -40.05
CA ALA D 64 -34.06 -19.28 -39.72
C ALA D 64 -34.95 -20.31 -39.01
N GLY D 65 -35.15 -20.07 -37.71
CA GLY D 65 -36.07 -20.82 -36.89
C GLY D 65 -35.44 -22.00 -36.15
N TRP D 66 -34.15 -22.32 -36.33
CA TRP D 66 -33.56 -23.42 -35.58
C TRP D 66 -33.50 -23.02 -34.13
N SER D 67 -33.75 -24.00 -33.25
CA SER D 67 -33.49 -23.88 -31.83
C SER D 67 -31.98 -23.87 -31.63
N SER D 68 -31.53 -23.42 -30.46
CA SER D 68 -30.14 -23.54 -30.09
C SER D 68 -29.66 -24.95 -30.41
N ASP D 69 -30.34 -25.97 -29.81
CA ASP D 69 -29.90 -27.37 -29.84
C ASP D 69 -29.67 -27.82 -31.28
N LYS D 70 -30.61 -27.46 -32.17
CA LYS D 70 -30.46 -27.85 -33.56
C LYS D 70 -29.13 -27.30 -34.10
N ALA D 71 -28.84 -26.03 -33.79
CA ALA D 71 -27.71 -25.37 -34.39
C ALA D 71 -26.42 -25.99 -33.84
N HIS D 72 -26.40 -26.27 -32.55
CA HIS D 72 -25.29 -27.03 -32.01
C HIS D 72 -25.12 -28.33 -32.78
N LYS D 73 -26.19 -29.08 -32.89
CA LYS D 73 -26.08 -30.37 -33.55
C LYS D 73 -25.55 -30.17 -34.97
N VAL D 74 -26.12 -29.23 -35.73
CA VAL D 74 -25.77 -29.05 -37.14
C VAL D 74 -24.28 -28.74 -37.29
N LEU D 75 -23.64 -28.12 -36.26
CA LEU D 75 -22.22 -27.80 -36.29
C LEU D 75 -21.37 -28.99 -35.82
N LYS D 76 -21.82 -29.68 -34.79
CA LYS D 76 -21.18 -30.89 -34.32
C LYS D 76 -21.03 -31.93 -35.44
N GLN D 77 -22.09 -32.16 -36.21
CA GLN D 77 -22.08 -33.19 -37.25
C GLN D 77 -21.50 -32.72 -38.59
N ALA D 78 -20.87 -31.54 -38.64
CA ALA D 78 -20.28 -31.05 -39.88
C ALA D 78 -18.81 -31.46 -39.97
N PHE D 79 -18.36 -31.78 -41.19
CA PHE D 79 -16.98 -32.19 -41.42
C PHE D 79 -16.07 -30.98 -41.30
N GLY D 80 -15.03 -31.13 -40.46
CA GLY D 80 -14.26 -30.01 -39.95
C GLY D 80 -13.19 -29.50 -40.93
N GLU D 81 -13.14 -30.12 -42.12
CA GLU D 81 -12.29 -29.65 -43.21
C GLU D 81 -12.52 -28.14 -43.41
N LYS D 82 -13.74 -27.75 -43.84
CA LYS D 82 -14.10 -26.35 -43.96
C LYS D 82 -15.57 -26.17 -43.55
N ILE D 83 -15.82 -25.30 -42.55
CA ILE D 83 -17.16 -24.82 -42.26
C ILE D 83 -17.33 -23.37 -42.73
N THR D 84 -18.44 -23.12 -43.40
CA THR D 84 -18.79 -21.83 -43.96
C THR D 84 -19.96 -21.26 -43.15
N MET D 85 -19.76 -20.08 -42.55
CA MET D 85 -20.85 -19.39 -41.87
C MET D 85 -21.03 -18.03 -42.51
N THR D 86 -22.28 -17.66 -42.77
CA THR D 86 -22.64 -16.35 -43.26
C THR D 86 -23.15 -15.51 -42.07
N ILE D 87 -22.49 -14.36 -41.82
CA ILE D 87 -22.56 -13.61 -40.58
C ILE D 87 -23.03 -12.16 -40.82
N ARG D 88 -24.06 -11.73 -40.05
CA ARG D 88 -24.49 -10.35 -40.00
C ARG D 88 -23.96 -9.78 -38.70
N ASP D 89 -23.26 -8.63 -38.72
CA ASP D 89 -22.47 -8.15 -37.57
C ASP D 89 -23.36 -7.56 -36.46
N ARG D 90 -23.21 -8.10 -35.25
CA ARG D 90 -23.80 -7.58 -34.01
C ARG D 90 -25.06 -6.74 -34.26
N PRO D 91 -26.13 -7.33 -34.84
CA PRO D 91 -27.30 -6.54 -35.22
C PRO D 91 -28.03 -5.91 -34.03
N PHE D 92 -27.94 -6.54 -32.86
CA PHE D 92 -28.60 -6.04 -31.68
C PHE D 92 -27.81 -4.92 -30.96
N GLU D 93 -26.56 -4.61 -31.38
CA GLU D 93 -25.69 -3.71 -30.63
C GLU D 93 -25.39 -2.42 -31.39
N ARG D 94 -24.96 -1.36 -30.68
CA ARG D 94 -24.45 -0.13 -31.30
C ARG D 94 -23.28 0.43 -30.51
N THR D 95 -22.51 1.29 -31.17
CA THR D 95 -21.33 1.87 -30.53
C THR D 95 -21.54 3.35 -30.33
N ILE D 96 -21.03 3.84 -29.21
CA ILE D 96 -21.09 5.25 -28.89
C ILE D 96 -19.68 5.70 -28.54
N THR D 97 -19.18 6.70 -29.30
CA THR D 97 -17.88 7.36 -29.14
C THR D 97 -18.00 8.58 -28.21
N MET D 98 -17.29 8.53 -27.08
CA MET D 98 -17.25 9.58 -26.09
C MET D 98 -15.80 9.98 -25.91
N HIS D 99 -15.58 11.20 -25.39
CA HIS D 99 -14.26 11.75 -25.10
C HIS D 99 -14.16 11.98 -23.61
N LYS D 100 -13.03 11.65 -23.01
CA LYS D 100 -12.85 11.80 -21.58
C LYS D 100 -12.64 13.28 -21.23
N ASP D 101 -13.27 13.67 -20.11
CA ASP D 101 -13.12 15.01 -19.56
C ASP D 101 -11.69 15.15 -19.00
N SER D 102 -11.43 16.27 -18.30
CA SER D 102 -10.11 16.56 -17.76
C SER D 102 -9.72 15.55 -16.68
N THR D 103 -10.71 14.78 -16.17
CA THR D 103 -10.52 13.92 -15.01
C THR D 103 -10.54 12.43 -15.38
N GLY D 104 -10.45 12.08 -16.67
CA GLY D 104 -10.44 10.69 -17.12
C GLY D 104 -11.81 10.03 -17.32
N HIS D 105 -12.91 10.80 -17.33
CA HIS D 105 -14.28 10.29 -17.28
C HIS D 105 -15.14 10.74 -18.47
N VAL D 106 -16.14 9.94 -18.80
CA VAL D 106 -17.07 10.23 -19.90
C VAL D 106 -18.50 10.49 -19.39
N GLY D 107 -18.81 10.11 -18.14
CA GLY D 107 -20.00 10.59 -17.47
C GLY D 107 -21.15 9.60 -17.56
N PHE D 108 -20.95 8.41 -16.96
CA PHE D 108 -22.07 7.52 -16.65
C PHE D 108 -21.70 6.62 -15.48
N ILE D 109 -22.74 5.95 -14.95
CA ILE D 109 -22.70 5.01 -13.83
C ILE D 109 -23.27 3.66 -14.28
N PHE D 110 -22.59 2.56 -13.97
CA PHE D 110 -23.16 1.24 -14.19
C PHE D 110 -23.14 0.35 -12.94
N LYS D 111 -23.89 -0.73 -13.05
CA LYS D 111 -23.86 -1.81 -12.09
C LYS D 111 -24.15 -3.09 -12.86
N ASN D 112 -23.39 -4.14 -12.56
CA ASN D 112 -23.58 -5.42 -13.21
C ASN D 112 -23.40 -5.21 -14.70
N GLY D 113 -22.43 -4.36 -15.04
CA GLY D 113 -22.21 -4.00 -16.44
C GLY D 113 -23.41 -3.38 -17.19
N LYS D 114 -24.48 -3.00 -16.47
CA LYS D 114 -25.62 -2.34 -17.08
C LYS D 114 -25.60 -0.85 -16.74
N ILE D 115 -25.69 0.05 -17.73
CA ILE D 115 -25.68 1.50 -17.51
C ILE D 115 -26.97 1.91 -16.81
N THR D 116 -26.86 2.75 -15.75
CA THR D 116 -27.94 3.11 -14.83
C THR D 116 -28.18 4.62 -14.69
N SER D 117 -27.18 5.48 -14.85
CA SER D 117 -27.49 6.91 -14.94
C SER D 117 -26.50 7.61 -15.84
N ILE D 118 -26.94 8.73 -16.42
CA ILE D 118 -26.09 9.54 -17.29
C ILE D 118 -25.80 10.85 -16.58
N VAL D 119 -24.54 11.25 -16.56
CA VAL D 119 -24.17 12.45 -15.84
C VAL D 119 -24.46 13.66 -16.73
N LYS D 120 -24.99 14.74 -16.12
CA LYS D 120 -25.35 15.97 -16.80
C LYS D 120 -24.13 16.69 -17.38
N ASP D 121 -24.32 17.10 -18.64
CA ASP D 121 -23.35 17.87 -19.39
C ASP D 121 -22.03 17.11 -19.54
N SER D 122 -22.13 15.78 -19.49
CA SER D 122 -21.00 14.90 -19.75
C SER D 122 -20.96 14.49 -21.21
N SER D 123 -19.84 13.86 -21.57
CA SER D 123 -19.61 13.39 -22.93
C SER D 123 -20.63 12.30 -23.28
N ALA D 124 -20.95 11.44 -22.31
CA ALA D 124 -22.01 10.44 -22.44
C ALA D 124 -23.32 11.09 -22.86
N ALA D 125 -23.68 12.19 -22.18
CA ALA D 125 -24.94 12.90 -22.41
C ALA D 125 -24.97 13.49 -23.82
N ARG D 126 -23.90 14.19 -24.21
CA ARG D 126 -23.82 14.84 -25.51
C ARG D 126 -23.99 13.80 -26.62
N ASN D 127 -23.52 12.59 -26.36
CA ASN D 127 -23.48 11.55 -27.36
C ASN D 127 -24.64 10.59 -27.18
N GLY D 128 -25.47 10.86 -26.17
CA GLY D 128 -26.79 10.23 -26.12
C GLY D 128 -26.72 8.76 -25.72
N LEU D 129 -25.85 8.46 -24.78
CA LEU D 129 -25.79 7.13 -24.20
C LEU D 129 -27.08 6.89 -23.43
N LEU D 130 -27.57 5.65 -23.46
CA LEU D 130 -28.83 5.29 -22.83
C LEU D 130 -28.60 4.44 -21.59
N THR D 131 -29.62 4.45 -20.72
CA THR D 131 -29.68 3.59 -19.57
C THR D 131 -30.37 2.30 -19.99
N GLU D 132 -30.40 1.35 -19.04
CA GLU D 132 -31.05 0.09 -19.27
C GLU D 132 -30.41 -0.60 -20.47
N HIS D 133 -29.11 -0.35 -20.68
CA HIS D 133 -28.33 -0.98 -21.75
C HIS D 133 -27.08 -1.62 -21.17
N ASN D 134 -26.73 -2.83 -21.63
CA ASN D 134 -25.54 -3.52 -21.15
C ASN D 134 -24.35 -3.23 -22.05
N ILE D 135 -23.19 -3.07 -21.38
CA ILE D 135 -21.90 -2.85 -22.02
C ILE D 135 -21.38 -4.20 -22.46
N CYS D 136 -21.21 -4.34 -23.79
CA CYS D 136 -20.79 -5.57 -24.41
C CYS D 136 -19.30 -5.49 -24.78
N GLU D 137 -18.85 -4.38 -25.38
CA GLU D 137 -17.46 -4.20 -25.76
C GLU D 137 -16.97 -2.82 -25.28
N ILE D 138 -15.65 -2.70 -25.08
CA ILE D 138 -14.96 -1.42 -24.97
C ILE D 138 -13.80 -1.35 -25.94
N ASN D 139 -13.92 -0.38 -26.85
CA ASN D 139 -12.97 -0.18 -27.94
C ASN D 139 -12.79 -1.45 -28.75
N GLY D 140 -13.88 -2.19 -28.97
CA GLY D 140 -13.83 -3.41 -29.74
C GLY D 140 -13.61 -4.65 -28.86
N GLN D 141 -13.17 -4.47 -27.59
CA GLN D 141 -12.90 -5.59 -26.72
C GLN D 141 -14.10 -6.02 -25.86
N ASN D 142 -14.38 -7.33 -25.91
CA ASN D 142 -15.46 -7.99 -25.19
C ASN D 142 -15.15 -7.94 -23.70
N VAL D 143 -16.13 -7.50 -22.89
CA VAL D 143 -16.05 -7.37 -21.44
C VAL D 143 -17.23 -8.09 -20.77
N ILE D 144 -17.84 -8.99 -21.54
CA ILE D 144 -19.01 -9.68 -21.07
C ILE D 144 -18.58 -10.76 -20.09
N GLY D 145 -19.10 -10.64 -18.87
CA GLY D 145 -18.76 -11.55 -17.79
C GLY D 145 -17.69 -11.01 -16.84
N LEU D 146 -16.94 -9.97 -17.22
CA LEU D 146 -15.99 -9.38 -16.30
C LEU D 146 -16.72 -8.71 -15.15
N LYS D 147 -16.00 -8.43 -14.06
CA LYS D 147 -16.51 -7.68 -12.93
C LYS D 147 -16.56 -6.20 -13.32
N ASP D 148 -17.36 -5.42 -12.61
CA ASP D 148 -17.45 -3.99 -12.82
C ASP D 148 -16.06 -3.38 -12.69
N SER D 149 -15.33 -3.78 -11.64
CA SER D 149 -14.00 -3.22 -11.42
C SER D 149 -13.14 -3.41 -12.67
N GLN D 150 -13.24 -4.59 -13.30
CA GLN D 150 -12.41 -4.90 -14.46
C GLN D 150 -12.76 -3.92 -15.57
N ILE D 151 -14.06 -3.61 -15.67
CA ILE D 151 -14.58 -2.72 -16.71
C ILE D 151 -14.10 -1.29 -16.41
N ALA D 152 -14.32 -0.81 -15.18
CA ALA D 152 -13.66 0.41 -14.72
C ALA D 152 -12.21 0.48 -15.24
N ASP D 153 -11.39 -0.55 -14.93
CA ASP D 153 -10.00 -0.58 -15.33
C ASP D 153 -9.90 -0.33 -16.83
N ILE D 154 -10.62 -1.15 -17.61
CA ILE D 154 -10.52 -1.14 -19.08
C ILE D 154 -10.83 0.25 -19.64
N LEU D 155 -11.73 0.99 -18.97
CA LEU D 155 -12.11 2.32 -19.43
C LEU D 155 -10.96 3.30 -19.25
N SER D 156 -10.32 3.28 -18.07
CA SER D 156 -9.12 4.06 -17.81
C SER D 156 -8.08 3.87 -18.92
N THR D 157 -7.66 2.64 -19.17
CA THR D 157 -6.56 2.42 -20.09
C THR D 157 -6.92 2.76 -21.54
N SER D 158 -8.15 3.17 -21.81
CA SER D 158 -8.49 3.64 -23.15
C SER D 158 -7.75 4.94 -23.44
N GLY D 159 -7.50 5.21 -24.74
CA GLY D 159 -7.20 6.56 -25.22
C GLY D 159 -8.27 7.57 -24.78
N THR D 160 -8.11 8.84 -25.16
CA THR D 160 -9.08 9.86 -24.76
C THR D 160 -10.44 9.48 -25.35
N VAL D 161 -10.39 8.93 -26.57
CA VAL D 161 -11.56 8.51 -27.30
C VAL D 161 -11.94 7.14 -26.76
N VAL D 162 -13.14 7.04 -26.18
CA VAL D 162 -13.71 5.80 -25.65
C VAL D 162 -14.91 5.34 -26.48
N THR D 163 -14.78 4.22 -27.18
CA THR D 163 -15.94 3.67 -27.86
C THR D 163 -16.54 2.58 -26.98
N ILE D 164 -17.83 2.67 -26.61
CA ILE D 164 -18.42 1.51 -25.99
C ILE D 164 -19.46 0.95 -26.93
N THR D 165 -19.49 -0.39 -26.99
CA THR D 165 -20.54 -1.11 -27.68
C THR D 165 -21.64 -1.49 -26.69
N ILE D 166 -22.89 -1.12 -27.01
CA ILE D 166 -24.01 -1.35 -26.09
C ILE D 166 -25.10 -2.21 -26.72
N MET D 167 -25.82 -2.92 -25.83
CA MET D 167 -27.01 -3.72 -26.15
C MET D 167 -28.17 -3.41 -25.22
N PRO D 168 -29.44 -3.31 -25.67
CA PRO D 168 -30.54 -3.17 -24.73
C PRO D 168 -30.67 -4.31 -23.74
N ALA D 169 -30.90 -3.92 -22.48
CA ALA D 169 -30.74 -4.84 -21.36
C ALA D 169 -31.59 -6.09 -21.56
N PHE D 170 -32.82 -5.95 -22.05
N PHE D 170 -32.80 -5.94 -22.08
CA PHE D 170 -33.76 -7.06 -22.13
CA PHE D 170 -33.78 -7.04 -22.14
C PHE D 170 -33.26 -8.09 -23.13
C PHE D 170 -33.34 -8.08 -23.16
N ILE D 171 -32.69 -7.62 -24.24
CA ILE D 171 -32.16 -8.52 -25.26
C ILE D 171 -30.92 -9.23 -24.70
N PHE D 172 -30.07 -8.47 -24.01
CA PHE D 172 -28.87 -9.05 -23.45
C PHE D 172 -29.25 -10.20 -22.54
N GLU D 173 -30.21 -9.94 -21.65
CA GLU D 173 -30.68 -10.94 -20.72
C GLU D 173 -31.19 -12.14 -21.49
N HIS D 174 -31.80 -11.91 -22.65
CA HIS D 174 -32.29 -13.01 -23.49
C HIS D 174 -31.11 -13.80 -24.04
N ILE D 175 -29.97 -13.15 -24.34
CA ILE D 175 -28.90 -13.84 -25.05
C ILE D 175 -28.12 -14.68 -24.06
N ILE D 176 -27.95 -14.24 -22.80
CA ILE D 176 -27.16 -15.02 -21.86
C ILE D 176 -27.97 -16.14 -21.18
N LYS D 177 -29.28 -16.24 -21.39
CA LYS D 177 -30.05 -17.35 -20.85
C LYS D 177 -29.52 -18.67 -21.42
N ARG D 178 -29.66 -19.76 -20.64
CA ARG D 178 -29.22 -21.10 -20.97
C ARG D 178 -27.71 -21.17 -21.08
N MET D 179 -26.99 -20.46 -20.20
CA MET D 179 -25.54 -20.46 -20.24
C MET D 179 -25.01 -20.15 -18.85
N ALA D 180 -24.20 -21.09 -18.32
CA ALA D 180 -23.77 -21.10 -16.95
C ALA D 180 -22.82 -19.93 -16.69
N PRO D 181 -23.04 -19.11 -15.64
CA PRO D 181 -22.12 -18.00 -15.37
C PRO D 181 -20.65 -18.39 -15.53
N SER D 182 -20.31 -19.56 -14.98
CA SER D 182 -18.94 -20.04 -14.89
C SER D 182 -18.30 -20.23 -16.28
N ILE D 183 -19.05 -20.78 -17.21
CA ILE D 183 -18.60 -20.81 -18.60
C ILE D 183 -18.42 -19.38 -19.12
N MET D 184 -19.41 -18.51 -18.88
CA MET D 184 -19.38 -17.17 -19.41
C MET D 184 -18.15 -16.44 -18.87
N LYS D 185 -17.91 -16.52 -17.56
CA LYS D 185 -16.75 -15.89 -16.94
C LYS D 185 -15.42 -16.55 -17.32
N SER D 186 -15.38 -17.87 -17.56
CA SER D 186 -14.10 -18.51 -17.74
C SER D 186 -13.71 -18.64 -19.21
N LEU D 187 -14.67 -18.58 -20.14
CA LEU D 187 -14.40 -19.00 -21.51
C LEU D 187 -14.49 -17.87 -22.53
N MET D 188 -15.03 -16.70 -22.16
CA MET D 188 -15.41 -15.69 -23.15
C MET D 188 -14.14 -14.96 -23.58
N ASP D 189 -13.93 -14.89 -24.91
CA ASP D 189 -12.89 -14.06 -25.53
C ASP D 189 -12.93 -12.61 -25.03
N HIS D 190 -11.74 -12.12 -24.60
CA HIS D 190 -11.51 -10.75 -24.19
C HIS D 190 -10.25 -10.20 -24.88
N THR D 191 -9.86 -10.79 -26.01
CA THR D 191 -8.56 -10.43 -26.57
C THR D 191 -8.69 -9.10 -27.32
N ILE D 192 -7.54 -8.50 -27.65
CA ILE D 192 -7.49 -7.34 -28.52
C ILE D 192 -6.40 -7.56 -29.57
N PRO D 193 -6.35 -6.76 -30.65
CA PRO D 193 -5.35 -7.00 -31.70
C PRO D 193 -3.90 -6.78 -31.24
N GLU D 194 -3.63 -5.74 -30.43
CA GLU D 194 -2.31 -5.41 -29.92
C GLU D 194 -2.43 -4.51 -28.68
N VAL D 195 -1.35 -4.33 -27.93
CA VAL D 195 -1.34 -3.24 -26.97
C VAL D 195 -0.55 -2.06 -27.59
N1 NUM E . 15.20 -7.81 1.58
C4 NUM E . 13.96 -8.80 3.80
C5 NUM E . 14.91 -7.63 3.97
C6 NUM E . 14.87 -6.87 2.66
C7 NUM E . 16.61 -7.98 1.28
C8 NUM E . 17.03 -8.89 0.17
C10 NUM E . 18.84 -9.94 -1.04
C13 NUM E . 14.41 -10.10 3.51
C1 NUM E . 12.12 -10.87 3.47
C11 NUM E . 17.83 -10.49 -1.84
C12 NUM E . 16.47 -10.21 -1.57
C14 NUM E . 13.48 -11.13 3.35
C2 NUM E . 11.69 -9.58 3.75
C3 NUM E . 12.61 -8.54 3.92
C9 NUM E . 18.41 -9.11 -0.03
N2 NUM E . 16.08 -9.42 -0.58
O1 NUM E . 11.16 -11.86 3.34
O2 NUM E . 17.47 -7.40 1.85
C1 EDO F . -2.60 8.01 7.48
O1 EDO F . -1.86 7.52 6.35
C2 EDO F . -1.74 8.45 8.61
O2 EDO F . -0.41 8.05 8.50
C1 EDO G . 18.14 -35.53 23.18
O1 EDO G . 18.57 -34.37 22.50
C2 EDO G . 18.72 -35.56 24.55
O2 EDO G . 19.18 -34.29 24.99
C1 EDO H . 14.17 -25.28 2.66
O1 EDO H . 13.44 -26.36 2.12
C2 EDO H . 15.66 -25.40 2.55
O2 EDO H . 16.19 -26.64 3.01
N DGL I . 14.36 -25.01 29.13
CA DGL I . 13.46 -25.51 28.06
C DGL I . 13.63 -24.62 26.81
O DGL I . 13.96 -23.42 27.02
CB DGL I . 13.74 -27.00 27.79
CG DGL I . 15.18 -27.29 27.35
CD DGL I . 15.55 -28.73 27.06
OE1 DGL I . 16.78 -28.97 26.96
OE2 DGL I . 14.64 -29.62 26.90
OXT DGL I . 13.42 -25.12 25.68
C1 EDO J . -7.02 32.74 -1.24
O1 EDO J . -6.24 32.14 -0.25
C2 EDO J . -8.41 32.23 -1.29
O2 EDO J . -8.63 31.36 -2.38
C1 EDO K . -7.61 14.00 13.83
O1 EDO K . -7.72 15.17 13.05
C2 EDO K . -7.18 14.30 15.24
O2 EDO K . -8.25 14.05 16.18
C1 EDO L . 1.18 17.40 9.07
O1 EDO L . 1.39 18.09 7.81
C2 EDO L . 0.60 18.22 10.19
O2 EDO L . 1.46 18.47 11.31
N GLY M . -16.26 18.94 20.80
CA GLY M . -17.28 19.17 19.76
C GLY M . -16.97 20.39 18.89
O GLY M . -17.05 21.50 19.45
OXT GLY M . -16.65 20.18 17.69
C1 EDO N . -12.87 -9.46 -29.64
O1 EDO N . -13.54 -8.22 -29.82
C2 EDO N . -13.05 -9.99 -28.27
O2 EDO N . -12.61 -9.15 -27.23
C1 EDO O . -37.01 -10.56 -27.92
O1 EDO O . -37.41 -11.88 -27.87
C2 EDO O . -36.21 -10.14 -26.77
O2 EDO O . -34.83 -10.40 -26.87
S SO4 P . -17.77 15.08 -26.74
O1 SO4 P . -18.77 15.97 -27.30
O2 SO4 P . -18.12 14.77 -25.38
O3 SO4 P . -17.74 13.86 -27.52
O4 SO4 P . -16.45 15.71 -26.77
S SO4 Q . -19.80 -7.09 -10.87
O1 SO4 Q . -20.97 -7.32 -10.02
O2 SO4 Q . -18.97 -6.04 -10.32
O3 SO4 Q . -20.24 -6.73 -12.17
O4 SO4 Q . -19.03 -8.30 -10.93
S SO4 R . -24.26 -26.57 -25.64
O1 SO4 R . -22.84 -26.25 -25.65
O2 SO4 R . -24.95 -25.62 -24.81
O3 SO4 R . -24.48 -27.89 -25.12
O4 SO4 R . -24.76 -26.51 -27.00
N ALA S . -18.15 6.81 -14.19
CA ALA S . -17.13 6.22 -15.09
C ALA S . -16.95 7.09 -16.33
O ALA S . -17.68 8.12 -16.43
CB ALA S . -17.55 4.82 -15.46
OXT ALA S . -16.07 6.74 -17.16
N DGL T . -36.10 -22.94 -27.67
CA DGL T . -35.16 -22.31 -26.71
C DGL T . -33.80 -22.11 -27.42
O DGL T . -32.94 -21.38 -26.86
CB DGL T . -35.79 -21.03 -26.14
CG DGL T . -36.40 -20.07 -27.16
CD DGL T . -36.13 -18.58 -27.02
OE1 DGL T . -35.60 -18.11 -25.98
OE2 DGL T . -36.48 -17.84 -27.97
OXT DGL T . -33.66 -22.71 -28.53
N GLY U . -38.33 -20.18 -31.51
CA GLY U . -37.89 -21.02 -32.63
C GLY U . -37.26 -22.30 -32.13
O GLY U . -36.79 -22.27 -30.98
OXT GLY U . -37.27 -23.26 -32.90
#